data_3UP5
#
_entry.id   3UP5
#
_cell.length_a   66.837
_cell.length_b   94.394
_cell.length_c   93.135
_cell.angle_alpha   90.000
_cell.angle_beta   102.380
_cell.angle_gamma   90.000
#
_symmetry.space_group_name_H-M   'P 1 21 1'
#
loop_
_entity.id
_entity.type
_entity.pdbx_description
1 polymer OTEMO
2 non-polymer 'FLAVIN-ADENINE DINUCLEOTIDE'
3 non-polymer 'NADP NICOTINAMIDE-ADENINE-DINUCLEOTIDE PHOSPHATE'
4 water water
#
_entity_poly.entity_id   1
_entity_poly.type   'polypeptide(L)'
_entity_poly.pdbx_seq_one_letter_code
;MSNRAKSPALDAVVIGAGVTGIYQAFLINQAGMKVLGIEAGEDVGGTWYWNRYPGCRLDTESYAYGYFALKGIIPEWEWS
ENFASQPEMLRYVNRAADAMDVRKHYRFNTRVTAARYVENDRLWEVTLDNEEVVTCRFLISATGPLSASRMPDIKGIDSF
KGESFHSSRWPTDAEGAPKGVDFTGKRVGVIGTGATGVQIIPIAAETAKELYVFQRTPNWCTPLGNSPMSKEKMDSLRNR
YPTILEYVKSTDTAFPYHRDPRKGTDVSESERDAFFEELYRQPGYGIWLSGFRDLLLNKESNKFLADFVAKKIRQRVKDP
VVAEKLIPKDHPFGAKRVPMETNYYETYNRDNVHLVDIREAPIQEVTPEGIKTADAAYDLDVIIYATGFDAVTGSLDRID
IRGKDNVRLIDAWAEGPSTYLGLQARGFPNFFTLVGPHNGSTFCNVGVCGGLQAEWVLRMISYMKDNGFTYSEPTQAAEN
RWTEEVYADFSRTLLAEANAWWVKTTTKPDGSVVRRTLVHVSGGPEYRKRCEQVAYNNYNGFELA
;
_entity_poly.pdbx_strand_id   A,B
#
loop_
_chem_comp.id
_chem_comp.type
_chem_comp.name
_chem_comp.formula
FAD non-polymer 'FLAVIN-ADENINE DINUCLEOTIDE' 'C27 H33 N9 O15 P2'
NAP non-polymer 'NADP NICOTINAMIDE-ADENINE-DINUCLEOTIDE PHOSPHATE' 'C21 H28 N7 O17 P3'
#
# COMPACT_ATOMS: atom_id res chain seq x y z
N LYS A 6 13.79 36.12 14.54
CA LYS A 6 12.59 36.71 13.82
C LYS A 6 11.72 35.55 13.29
N SER A 7 10.41 35.71 13.29
CA SER A 7 9.58 34.53 13.08
C SER A 7 8.60 34.75 11.92
N PRO A 8 8.53 33.76 11.00
CA PRO A 8 7.85 33.85 9.73
C PRO A 8 6.39 34.11 9.89
N ALA A 9 5.84 34.82 8.89
CA ALA A 9 4.45 35.20 8.80
C ALA A 9 3.53 33.99 8.46
N LEU A 10 4.02 33.11 7.59
CA LEU A 10 3.27 31.92 7.22
C LEU A 10 3.99 30.64 7.62
N ASP A 11 3.22 29.57 7.82
CA ASP A 11 3.76 28.25 7.99
C ASP A 11 4.26 27.79 6.67
N ALA A 12 3.54 28.12 5.61
CA ALA A 12 3.87 27.57 4.30
C ALA A 12 3.40 28.49 3.21
N VAL A 13 4.23 28.62 2.18
CA VAL A 13 3.85 29.15 0.88
C VAL A 13 3.91 27.97 -0.10
N VAL A 14 2.90 27.86 -0.96
CA VAL A 14 2.88 26.90 -2.05
C VAL A 14 2.89 27.67 -3.35
N ILE A 15 3.83 27.37 -4.21
CA ILE A 15 3.87 27.98 -5.49
C ILE A 15 3.24 27.04 -6.51
N GLY A 16 2.13 27.52 -7.09
CA GLY A 16 1.38 26.75 -8.11
C GLY A 16 -0.07 26.55 -7.73
N ALA A 17 -0.95 26.69 -8.72
CA ALA A 17 -2.37 26.41 -8.46
C ALA A 17 -2.97 25.40 -9.42
N GLY A 18 -2.12 24.48 -9.87
CA GLY A 18 -2.59 23.30 -10.54
C GLY A 18 -3.08 22.25 -9.56
N VAL A 19 -3.37 21.04 -10.05
CA VAL A 19 -4.00 20.03 -9.18
C VAL A 19 -3.22 19.79 -7.90
N THR A 20 -1.89 19.60 -8.03
CA THR A 20 -0.98 19.37 -6.90
C THR A 20 -0.97 20.47 -5.80
N GLY A 21 -0.75 21.69 -6.24
CA GLY A 21 -0.61 22.81 -5.38
C GLY A 21 -1.92 23.20 -4.70
N ILE A 22 -3.07 23.15 -5.39
CA ILE A 22 -4.25 23.49 -4.59
C ILE A 22 -4.53 22.43 -3.52
N TYR A 23 -4.28 21.17 -3.81
CA TYR A 23 -4.53 20.12 -2.84
C TYR A 23 -3.59 20.33 -1.63
N GLN A 24 -2.31 20.46 -1.86
CA GLN A 24 -1.38 20.82 -0.78
C GLN A 24 -1.79 22.04 0.11
N ALA A 25 -2.42 23.04 -0.51
CA ALA A 25 -2.72 24.28 0.19
C ALA A 25 -3.97 24.01 1.01
N PHE A 26 -4.97 23.41 0.37
CA PHE A 26 -6.10 22.81 1.10
C PHE A 26 -5.73 22.01 2.36
N LEU A 27 -4.82 21.05 2.23
CA LEU A 27 -4.39 20.20 3.36
C LEU A 27 -3.82 21.00 4.54
N ILE A 28 -3.10 22.07 4.23
CA ILE A 28 -2.39 22.80 5.29
C ILE A 28 -3.35 23.73 6.02
N ASN A 29 -4.24 24.35 5.30
CA ASN A 29 -5.22 25.13 5.98
C ASN A 29 -6.17 24.21 6.80
N GLN A 30 -6.47 23.03 6.27
CA GLN A 30 -7.26 22.01 7.00
C GLN A 30 -6.63 21.62 8.36
N ALA A 31 -5.30 21.39 8.37
CA ALA A 31 -4.59 21.07 9.62
C ALA A 31 -4.43 22.29 10.55
N GLY A 32 -5.07 23.42 10.17
CA GLY A 32 -5.12 24.64 10.96
C GLY A 32 -3.86 25.48 10.97
N MET A 33 -3.10 25.46 9.89
CA MET A 33 -1.88 26.24 9.82
C MET A 33 -2.11 27.32 8.80
N LYS A 34 -1.26 28.34 8.75
CA LYS A 34 -1.41 29.39 7.71
C LYS A 34 -0.53 29.18 6.47
N VAL A 35 -1.20 29.29 5.33
CA VAL A 35 -0.62 28.96 4.04
C VAL A 35 -0.98 30.06 3.05
N LEU A 36 -0.07 30.30 2.11
CA LEU A 36 -0.27 31.22 1.05
C LEU A 36 0.16 30.55 -0.23
N GLY A 37 -0.79 30.49 -1.13
CA GLY A 37 -0.55 30.04 -2.48
C GLY A 37 -0.25 31.23 -3.36
N ILE A 38 0.65 31.01 -4.31
CA ILE A 38 0.97 31.98 -5.31
C ILE A 38 0.76 31.33 -6.65
N GLU A 39 0.04 31.97 -7.57
CA GLU A 39 -0.08 31.48 -8.95
C GLU A 39 0.10 32.61 -10.01
N ALA A 40 0.78 32.30 -11.11
CA ALA A 40 0.97 33.18 -12.26
C ALA A 40 -0.29 33.50 -13.05
N GLY A 41 -1.14 32.49 -13.27
CA GLY A 41 -2.32 32.65 -14.12
C GLY A 41 -3.41 33.38 -13.34
N GLU A 42 -4.50 33.69 -14.04
CA GLU A 42 -5.64 34.31 -13.37
C GLU A 42 -6.31 33.41 -12.34
N ASP A 43 -6.14 32.10 -12.46
CA ASP A 43 -6.99 31.15 -11.70
C ASP A 43 -6.40 29.73 -11.60
N VAL A 44 -7.12 28.84 -10.91
CA VAL A 44 -6.68 27.47 -10.67
C VAL A 44 -6.70 26.68 -11.94
N GLY A 45 -5.93 25.61 -12.03
CA GLY A 45 -5.94 24.77 -13.21
C GLY A 45 -4.60 24.15 -13.55
N GLY A 46 -3.53 24.93 -13.38
CA GLY A 46 -2.19 24.64 -13.94
C GLY A 46 -2.24 24.14 -15.37
N THR A 47 -1.87 22.89 -15.59
CA THR A 47 -1.92 22.28 -16.91
C THR A 47 -3.26 22.52 -17.62
N TRP A 48 -4.36 22.43 -16.88
CA TRP A 48 -5.71 22.52 -17.47
C TRP A 48 -6.19 23.94 -17.64
N TYR A 49 -5.47 24.87 -17.01
CA TYR A 49 -5.64 26.31 -17.18
C TYR A 49 -4.91 26.85 -18.43
N TRP A 50 -3.68 26.37 -18.66
CA TRP A 50 -2.76 26.93 -19.66
C TRP A 50 -2.82 26.26 -21.00
N ASN A 51 -2.96 24.95 -21.05
CA ASN A 51 -3.02 24.35 -22.35
C ASN A 51 -4.45 24.38 -22.94
N ARG A 52 -4.68 25.11 -24.03
CA ARG A 52 -6.02 25.27 -24.57
C ARG A 52 -6.04 24.93 -26.01
N TYR A 53 -4.99 24.27 -26.46
CA TYR A 53 -4.84 23.86 -27.86
C TYR A 53 -5.87 22.80 -28.28
N PRO A 54 -6.31 22.84 -29.56
CA PRO A 54 -7.28 21.89 -30.05
C PRO A 54 -6.85 20.45 -29.85
N GLY A 55 -7.73 19.70 -29.17
CA GLY A 55 -7.58 18.26 -28.95
C GLY A 55 -6.86 17.86 -27.68
N CYS A 56 -6.45 18.85 -26.90
CA CYS A 56 -5.82 18.57 -25.65
C CYS A 56 -6.69 17.63 -24.75
N ARG A 57 -6.17 16.45 -24.49
CA ARG A 57 -6.97 15.42 -23.82
C ARG A 57 -6.11 14.70 -22.79
N LEU A 58 -6.73 14.09 -21.78
CA LEU A 58 -6.02 13.17 -20.88
C LEU A 58 -5.48 11.95 -21.61
N ASP A 59 -4.43 11.37 -21.05
CA ASP A 59 -4.05 10.01 -21.38
C ASP A 59 -4.40 9.03 -20.25
N THR A 60 -4.96 9.52 -19.15
CA THR A 60 -5.35 8.69 -18.00
C THR A 60 -6.83 8.73 -17.92
N GLU A 61 -7.46 7.59 -17.68
CA GLU A 61 -8.91 7.49 -17.57
C GLU A 61 -9.40 8.57 -16.64
N SER A 62 -10.45 9.30 -17.04
CA SER A 62 -10.90 10.45 -16.28
C SER A 62 -11.22 10.02 -14.87
N TYR A 63 -11.87 8.87 -14.74
CA TYR A 63 -12.21 8.36 -13.39
C TYR A 63 -11.00 8.09 -12.48
N ALA A 64 -9.88 7.61 -13.07
CA ALA A 64 -8.63 7.42 -12.34
C ALA A 64 -7.78 8.68 -12.08
N TYR A 65 -7.86 9.72 -12.92
CA TYR A 65 -7.01 10.91 -12.74
C TYR A 65 -7.65 11.75 -11.68
N GLY A 66 -8.98 11.71 -11.64
CA GLY A 66 -9.76 12.53 -10.74
C GLY A 66 -9.76 12.07 -9.29
N TYR A 67 -8.55 12.03 -8.71
CA TYR A 67 -8.35 11.90 -7.26
C TYR A 67 -9.30 12.74 -6.37
N PHE A 68 -9.73 13.91 -6.81
CA PHE A 68 -10.59 14.73 -5.90
C PHE A 68 -11.98 14.13 -5.77
N ALA A 69 -12.46 13.49 -6.84
CA ALA A 69 -13.70 12.70 -6.83
C ALA A 69 -13.50 11.44 -6.00
N LEU A 70 -12.53 10.59 -6.42
CA LEU A 70 -12.08 9.40 -5.68
C LEU A 70 -11.97 9.59 -4.19
N LYS A 71 -11.39 10.71 -3.72
CA LYS A 71 -11.08 10.90 -2.31
C LYS A 71 -12.28 11.35 -1.54
N GLY A 72 -13.38 11.60 -2.22
CA GLY A 72 -14.56 12.09 -1.48
C GLY A 72 -14.68 13.60 -1.37
N ILE A 73 -13.84 14.37 -2.05
CA ILE A 73 -13.97 15.85 -2.01
C ILE A 73 -15.11 16.35 -2.91
N ILE A 74 -15.13 15.99 -4.20
CA ILE A 74 -16.33 16.18 -5.07
C ILE A 74 -16.83 14.84 -5.67
N PRO A 75 -17.33 13.92 -4.83
CA PRO A 75 -17.54 12.57 -5.38
C PRO A 75 -18.69 12.49 -6.40
N GLU A 76 -19.57 13.51 -6.36
CA GLU A 76 -20.76 13.63 -7.18
C GLU A 76 -20.41 14.11 -8.60
N TRP A 77 -19.11 14.30 -8.87
CA TRP A 77 -18.67 14.85 -10.15
C TRP A 77 -19.06 13.90 -11.25
N GLU A 78 -19.48 14.44 -12.40
CA GLU A 78 -19.84 13.62 -13.57
C GLU A 78 -18.88 13.79 -14.78
N TRP A 79 -18.28 12.70 -15.23
CA TRP A 79 -17.37 12.76 -16.35
C TRP A 79 -18.11 12.42 -17.63
N SER A 80 -17.88 13.20 -18.69
CA SER A 80 -18.62 13.04 -19.95
C SER A 80 -17.88 12.15 -20.93
N GLU A 81 -16.56 11.99 -20.78
CA GLU A 81 -15.87 10.97 -21.60
C GLU A 81 -14.91 10.14 -20.78
N ASN A 82 -14.52 9.01 -21.33
CA ASN A 82 -13.50 8.17 -20.73
C ASN A 82 -12.11 8.80 -20.56
N PHE A 83 -11.81 9.80 -21.40
CA PHE A 83 -10.54 10.56 -21.35
C PHE A 83 -10.89 11.99 -21.60
N ALA A 84 -11.26 12.74 -20.57
CA ALA A 84 -11.64 14.15 -20.70
C ALA A 84 -10.72 15.12 -21.46
N SER A 85 -11.38 16.05 -22.12
CA SER A 85 -10.71 17.09 -22.82
C SER A 85 -10.43 18.18 -21.83
N GLN A 86 -9.51 19.07 -22.19
CA GLN A 86 -9.10 20.18 -21.35
C GLN A 86 -10.23 21.07 -20.82
N PRO A 87 -11.25 21.44 -21.63
CA PRO A 87 -12.25 22.33 -21.00
C PRO A 87 -12.98 21.64 -19.88
N GLU A 88 -13.28 20.34 -20.07
CA GLU A 88 -13.93 19.57 -19.01
C GLU A 88 -12.96 19.42 -17.82
N MET A 89 -11.66 19.20 -18.14
CA MET A 89 -10.63 19.08 -17.11
C MET A 89 -10.55 20.34 -16.32
N LEU A 90 -10.58 21.49 -17.01
CA LEU A 90 -10.56 22.79 -16.34
C LEU A 90 -11.75 23.00 -15.43
N ARG A 91 -12.94 22.54 -15.84
CA ARG A 91 -14.16 22.63 -14.99
C ARG A 91 -14.04 21.77 -13.70
N TYR A 92 -13.37 20.63 -13.83
CA TYR A 92 -13.15 19.71 -12.72
C TYR A 92 -12.30 20.36 -11.64
N VAL A 93 -11.12 20.85 -12.03
CA VAL A 93 -10.23 21.56 -11.13
C VAL A 93 -11.00 22.74 -10.45
N ASN A 94 -11.84 23.46 -11.17
CA ASN A 94 -12.55 24.62 -10.59
C ASN A 94 -13.55 24.26 -9.53
N ARG A 95 -14.25 23.18 -9.78
CA ARG A 95 -15.21 22.69 -8.87
C ARG A 95 -14.50 22.15 -7.65
N ALA A 96 -13.38 21.47 -7.83
CA ALA A 96 -12.61 20.99 -6.70
C ALA A 96 -12.20 22.22 -5.89
N ALA A 97 -11.71 23.25 -6.59
CA ALA A 97 -11.29 24.51 -5.93
C ALA A 97 -12.43 25.14 -5.13
N ASP A 98 -13.62 25.22 -5.72
CA ASP A 98 -14.87 25.56 -4.99
C ASP A 98 -15.02 24.79 -3.67
N ALA A 99 -14.97 23.44 -3.76
CA ALA A 99 -15.16 22.59 -2.59
C ALA A 99 -14.11 22.72 -1.53
N MET A 100 -12.87 22.93 -1.94
CA MET A 100 -11.82 23.07 -0.95
C MET A 100 -11.91 24.44 -0.31
N ASP A 101 -12.45 25.39 -1.07
CA ASP A 101 -12.52 26.78 -0.66
C ASP A 101 -11.10 27.37 -0.60
N VAL A 102 -10.24 26.86 -1.49
CA VAL A 102 -8.82 27.16 -1.48
C VAL A 102 -8.46 28.54 -2.10
N ARG A 103 -9.30 29.10 -2.97
CA ARG A 103 -8.87 30.30 -3.74
C ARG A 103 -8.55 31.47 -2.82
N LYS A 104 -9.37 31.67 -1.80
CA LYS A 104 -9.12 32.73 -0.84
C LYS A 104 -7.74 32.68 -0.18
N HIS A 105 -6.96 31.60 -0.39
CA HIS A 105 -5.65 31.46 0.22
C HIS A 105 -4.55 31.81 -0.79
N TYR A 106 -4.94 32.21 -2.01
CA TYR A 106 -4.02 32.44 -3.11
C TYR A 106 -3.96 33.89 -3.52
N ARG A 107 -2.82 34.26 -4.10
CA ARG A 107 -2.60 35.46 -4.86
C ARG A 107 -2.43 34.97 -6.25
N PHE A 108 -3.34 35.35 -7.12
CA PHE A 108 -3.19 35.04 -8.51
C PHE A 108 -2.46 36.15 -9.29
N ASN A 109 -2.18 35.92 -10.58
CA ASN A 109 -1.56 36.94 -11.39
C ASN A 109 -0.17 37.36 -10.82
N THR A 110 0.52 36.42 -10.18
CA THR A 110 1.67 36.72 -9.36
C THR A 110 2.72 35.67 -9.60
N ARG A 111 3.92 36.10 -9.96
CA ARG A 111 5.04 35.22 -10.28
C ARG A 111 5.94 35.18 -9.08
N VAL A 112 6.52 34.06 -8.72
CA VAL A 112 7.57 34.09 -7.71
C VAL A 112 8.87 34.22 -8.51
N THR A 113 9.68 35.21 -8.14
CA THR A 113 10.87 35.53 -8.89
C THR A 113 12.10 35.00 -8.16
N ALA A 114 11.98 34.91 -6.85
CA ALA A 114 13.10 34.45 -6.05
C ALA A 114 12.66 33.93 -4.69
N ALA A 115 13.50 33.04 -4.17
CA ALA A 115 13.25 32.47 -2.85
C ALA A 115 14.57 32.24 -2.17
N ARG A 116 14.70 32.81 -0.97
CA ARG A 116 15.99 32.76 -0.32
C ARG A 116 15.87 32.26 1.11
N TYR A 117 16.75 31.33 1.48
CA TYR A 117 16.75 30.81 2.83
C TYR A 117 17.52 31.70 3.82
N VAL A 118 16.88 32.06 4.92
CA VAL A 118 17.53 32.91 5.91
C VAL A 118 17.97 31.97 7.07
N GLU A 119 19.24 31.54 7.10
CA GLU A 119 19.61 30.57 8.12
C GLU A 119 19.53 31.12 9.53
N ASN A 120 19.79 32.40 9.74
CA ASN A 120 19.66 32.87 11.13
C ASN A 120 18.27 32.66 11.72
N ASP A 121 17.26 32.69 10.87
CA ASP A 121 15.87 32.67 11.34
C ASP A 121 15.05 31.46 10.96
N ARG A 122 15.68 30.48 10.31
CA ARG A 122 15.06 29.28 9.78
C ARG A 122 13.78 29.51 8.95
N LEU A 123 13.85 30.33 7.92
CA LEU A 123 12.66 30.71 7.17
C LEU A 123 13.02 31.09 5.73
N TRP A 124 12.00 31.19 4.89
CA TRP A 124 12.23 31.52 3.49
C TRP A 124 11.65 32.90 3.20
N GLU A 125 12.46 33.76 2.56
CA GLU A 125 11.94 35.00 2.02
C GLU A 125 11.53 34.75 0.62
N VAL A 126 10.27 35.06 0.31
CA VAL A 126 9.70 34.76 -1.00
C VAL A 126 9.39 36.05 -1.76
N THR A 127 9.95 36.17 -2.96
CA THR A 127 9.87 37.45 -3.65
C THR A 127 8.76 37.37 -4.68
N LEU A 128 7.76 38.25 -4.58
CA LEU A 128 6.69 38.29 -5.57
C LEU A 128 6.89 39.39 -6.59
N ASP A 129 7.00 39.02 -7.87
CA ASP A 129 7.15 39.98 -9.00
C ASP A 129 8.30 40.96 -8.81
N ASN A 130 9.34 40.44 -8.18
CA ASN A 130 10.56 41.17 -7.95
C ASN A 130 10.29 42.43 -7.13
N GLU A 131 9.16 42.41 -6.41
CA GLU A 131 8.68 43.53 -5.61
C GLU A 131 8.50 43.08 -4.15
N GLU A 132 7.28 42.70 -3.77
CA GLU A 132 6.95 42.27 -2.40
C GLU A 132 7.69 41.03 -1.88
N VAL A 133 7.94 40.97 -0.57
CA VAL A 133 8.57 39.83 0.04
C VAL A 133 7.66 39.21 1.10
N VAL A 134 7.47 37.90 1.05
CA VAL A 134 6.77 37.22 2.16
C VAL A 134 7.64 36.18 2.84
N THR A 135 7.40 35.96 4.13
CA THR A 135 8.16 34.96 4.87
C THR A 135 7.33 33.69 5.29
N CYS A 136 7.94 32.54 5.17
CA CYS A 136 7.24 31.31 5.55
C CYS A 136 8.23 30.36 6.14
N ARG A 137 7.79 29.56 7.09
CA ARG A 137 8.65 28.53 7.65
C ARG A 137 9.04 27.50 6.56
N PHE A 138 8.03 27.10 5.77
CA PHE A 138 8.21 26.13 4.68
C PHE A 138 7.86 26.73 3.35
N LEU A 139 8.64 26.40 2.36
CA LEU A 139 8.28 26.69 1.01
C LEU A 139 8.09 25.37 0.32
N ILE A 140 7.01 25.29 -0.42
CA ILE A 140 6.66 24.12 -1.16
C ILE A 140 6.46 24.51 -2.63
N SER A 141 7.24 23.88 -3.53
CA SER A 141 7.07 24.09 -4.95
C SER A 141 6.11 23.05 -5.50
N ALA A 142 5.27 23.46 -6.45
CA ALA A 142 4.25 22.64 -7.05
C ALA A 142 4.15 23.27 -8.41
N THR A 143 5.31 23.69 -8.87
CA THR A 143 5.42 24.56 -10.04
C THR A 143 5.33 23.73 -11.31
N GLY A 144 4.96 22.46 -11.16
CA GLY A 144 4.61 21.63 -12.30
C GLY A 144 5.70 20.74 -12.81
N PRO A 145 5.35 19.53 -13.22
CA PRO A 145 6.31 18.56 -13.74
C PRO A 145 6.87 18.95 -15.09
N LEU A 146 6.26 19.93 -15.74
CA LEU A 146 6.74 20.39 -17.05
C LEU A 146 7.01 21.90 -16.96
N SER A 147 8.17 22.35 -17.47
CA SER A 147 8.46 23.81 -17.55
C SER A 147 8.02 24.58 -18.81
N ALA A 148 7.03 25.43 -18.65
CA ALA A 148 6.89 26.62 -19.51
C ALA A 148 6.85 26.51 -21.04
N SER A 149 6.04 27.39 -21.61
CA SER A 149 6.09 27.71 -23.02
C SER A 149 7.34 28.56 -23.23
N ARG A 150 8.18 28.11 -24.17
CA ARG A 150 9.26 28.95 -24.72
C ARG A 150 9.35 28.65 -26.24
N MET A 151 9.70 29.66 -27.04
CA MET A 151 10.03 29.41 -28.44
C MET A 151 11.08 28.26 -28.52
N PRO A 152 11.00 27.41 -29.56
CA PRO A 152 12.15 26.52 -29.82
C PRO A 152 13.39 27.31 -30.30
N ASP A 153 14.53 26.62 -30.35
CA ASP A 153 15.76 27.29 -30.75
C ASP A 153 15.84 27.41 -32.30
N ILE A 154 15.10 28.37 -32.82
CA ILE A 154 14.95 28.46 -34.26
C ILE A 154 15.05 29.91 -34.73
N LYS A 155 15.94 30.12 -35.70
CA LYS A 155 16.23 31.46 -36.12
C LYS A 155 15.05 31.97 -36.95
N GLY A 156 14.75 33.27 -36.80
CA GLY A 156 13.78 33.97 -37.64
C GLY A 156 12.33 33.96 -37.20
N ILE A 157 12.09 33.50 -35.98
CA ILE A 157 10.74 33.29 -35.49
C ILE A 157 9.86 34.51 -35.62
N ASP A 158 10.40 35.67 -35.24
CA ASP A 158 9.60 36.93 -35.20
C ASP A 158 9.40 37.53 -36.58
N SER A 159 10.02 36.94 -37.59
CA SER A 159 9.82 37.43 -38.98
C SER A 159 8.55 36.88 -39.68
N PHE A 160 8.04 35.74 -39.25
CA PHE A 160 6.88 35.20 -39.94
C PHE A 160 5.74 36.19 -39.96
N LYS A 161 5.21 36.42 -41.17
CA LYS A 161 4.16 37.42 -41.41
C LYS A 161 2.74 36.88 -41.23
N GLY A 162 2.63 35.55 -41.01
CA GLY A 162 1.36 34.91 -40.70
C GLY A 162 1.22 34.60 -39.22
N GLU A 163 0.14 33.90 -38.86
CA GLU A 163 -0.20 33.61 -37.48
C GLU A 163 0.71 32.56 -36.90
N SER A 164 1.26 32.87 -35.74
CA SER A 164 2.20 32.02 -35.09
C SER A 164 1.66 31.80 -33.68
N PHE A 165 1.38 30.52 -33.37
CA PHE A 165 0.92 30.01 -32.05
C PHE A 165 2.04 29.16 -31.46
N HIS A 166 2.34 29.29 -30.16
CA HIS A 166 2.88 28.09 -29.47
C HIS A 166 1.68 27.36 -28.81
N SER A 167 1.81 26.04 -28.61
CA SER A 167 0.67 25.20 -28.23
C SER A 167 0.25 25.48 -26.81
N SER A 168 1.23 25.85 -25.99
CA SER A 168 0.91 26.03 -24.61
C SER A 168 0.42 27.46 -24.37
N ARG A 169 0.37 28.25 -25.44
CA ARG A 169 -0.08 29.62 -25.40
C ARG A 169 -1.03 29.91 -26.54
N TRP A 170 -2.08 29.13 -26.63
CA TRP A 170 -3.00 29.27 -27.72
C TRP A 170 -4.02 30.34 -27.34
N PRO A 171 -4.28 31.29 -28.26
CA PRO A 171 -5.17 32.43 -27.95
C PRO A 171 -6.65 32.05 -27.84
N THR A 172 -7.33 32.72 -26.93
CA THR A 172 -8.69 32.37 -26.58
C THR A 172 -9.60 33.59 -26.63
N ASP A 173 -10.90 33.33 -26.57
CA ASP A 173 -11.84 34.43 -26.53
C ASP A 173 -12.34 34.67 -25.11
N ALA A 174 -13.16 35.69 -24.92
CA ALA A 174 -13.77 35.94 -23.59
C ALA A 174 -14.34 34.68 -22.95
N GLU A 175 -14.75 33.73 -23.77
CA GLU A 175 -15.36 32.46 -23.29
C GLU A 175 -14.34 31.48 -22.74
N GLY A 176 -13.06 31.79 -22.92
CA GLY A 176 -11.98 30.86 -22.60
C GLY A 176 -11.68 29.77 -23.64
N ALA A 177 -12.42 29.74 -24.75
CA ALA A 177 -12.19 28.72 -25.79
C ALA A 177 -11.21 29.24 -26.85
N PRO A 178 -10.37 28.34 -27.41
CA PRO A 178 -9.29 28.74 -28.31
C PRO A 178 -9.80 29.45 -29.59
N LYS A 179 -9.10 30.46 -30.08
CA LYS A 179 -9.57 31.03 -31.34
C LYS A 179 -8.63 30.73 -32.53
N GLY A 180 -9.07 31.04 -33.75
CA GLY A 180 -8.34 30.63 -34.94
C GLY A 180 -8.08 29.11 -35.03
N VAL A 181 -9.09 28.28 -34.68
CA VAL A 181 -9.01 26.80 -34.88
C VAL A 181 -9.52 26.25 -36.22
N ASP A 182 -10.30 27.08 -36.90
CA ASP A 182 -10.80 26.84 -38.24
C ASP A 182 -9.69 27.25 -39.23
N PHE A 183 -9.00 26.28 -39.80
CA PHE A 183 -7.88 26.58 -40.73
C PHE A 183 -8.31 26.53 -42.20
N THR A 184 -9.60 26.76 -42.46
CA THR A 184 -10.14 26.72 -43.86
C THR A 184 -9.36 27.62 -44.84
N GLY A 185 -8.73 26.98 -45.80
CA GLY A 185 -8.09 27.69 -46.87
C GLY A 185 -6.84 28.35 -46.41
N LYS A 186 -6.21 27.82 -45.36
CA LYS A 186 -4.84 28.24 -44.95
C LYS A 186 -3.83 27.13 -45.09
N ARG A 187 -2.58 27.47 -45.33
CA ARG A 187 -1.51 26.47 -45.31
C ARG A 187 -0.82 26.49 -43.93
N VAL A 188 -0.88 25.36 -43.24
CA VAL A 188 -0.49 25.28 -41.86
C VAL A 188 0.78 24.45 -41.69
N GLY A 189 1.74 24.98 -40.95
CA GLY A 189 2.88 24.19 -40.52
C GLY A 189 2.80 23.82 -39.04
N VAL A 190 3.02 22.55 -38.72
CA VAL A 190 3.09 22.13 -37.36
C VAL A 190 4.49 21.56 -37.06
N ILE A 191 5.12 22.07 -36.01
CA ILE A 191 6.49 21.67 -35.62
C ILE A 191 6.51 20.90 -34.30
N GLY A 192 6.80 19.60 -34.37
CA GLY A 192 6.77 18.72 -33.20
C GLY A 192 5.74 17.59 -33.32
N THR A 193 6.17 16.33 -33.07
CA THR A 193 5.26 15.16 -32.98
C THR A 193 5.28 14.40 -31.63
N GLY A 194 5.47 15.13 -30.54
CA GLY A 194 5.21 14.52 -29.25
C GLY A 194 3.72 14.57 -29.00
N ALA A 195 3.33 14.35 -27.77
CA ALA A 195 1.94 14.14 -27.48
C ALA A 195 1.08 15.32 -27.89
N THR A 196 1.65 16.53 -27.86
CA THR A 196 0.89 17.73 -28.22
C THR A 196 0.63 17.86 -29.73
N GLY A 197 1.69 17.66 -30.54
CA GLY A 197 1.59 17.66 -31.98
C GLY A 197 0.52 16.67 -32.43
N VAL A 198 0.77 15.44 -31.99
CA VAL A 198 -0.09 14.29 -32.26
C VAL A 198 -1.57 14.47 -31.96
N GLN A 199 -1.93 15.24 -30.91
CA GLN A 199 -3.34 15.66 -30.67
C GLN A 199 -3.82 16.74 -31.62
N ILE A 200 -3.03 17.80 -31.82
CA ILE A 200 -3.34 18.87 -32.78
C ILE A 200 -3.46 18.44 -34.26
N ILE A 201 -2.54 17.62 -34.75
CA ILE A 201 -2.45 17.41 -36.20
C ILE A 201 -3.77 16.96 -36.86
N PRO A 202 -4.43 15.86 -36.36
CA PRO A 202 -5.62 15.32 -37.02
C PRO A 202 -6.77 16.32 -37.03
N ILE A 203 -6.82 17.17 -36.03
CA ILE A 203 -7.86 18.18 -36.01
C ILE A 203 -7.50 19.32 -36.97
N ALA A 204 -6.22 19.56 -37.15
CA ALA A 204 -5.83 20.68 -38.01
C ALA A 204 -6.10 20.26 -39.45
N ALA A 205 -5.70 19.03 -39.79
CA ALA A 205 -6.06 18.37 -41.06
C ALA A 205 -7.55 18.39 -41.48
N GLU A 206 -8.50 18.40 -40.57
CA GLU A 206 -9.92 18.38 -40.98
C GLU A 206 -10.32 19.62 -41.79
N THR A 207 -9.66 20.74 -41.52
CA THR A 207 -10.04 22.02 -42.14
C THR A 207 -8.94 22.79 -42.90
N ALA A 208 -7.68 22.43 -42.71
CA ALA A 208 -6.61 23.14 -43.39
C ALA A 208 -6.62 22.86 -44.89
N LYS A 209 -6.31 23.90 -45.69
CA LYS A 209 -6.05 23.75 -47.13
C LYS A 209 -4.90 22.78 -47.42
N GLU A 210 -3.80 22.95 -46.69
CA GLU A 210 -2.69 22.02 -46.77
C GLU A 210 -2.10 21.96 -45.40
N LEU A 211 -1.43 20.87 -45.05
CA LEU A 211 -0.83 20.77 -43.73
C LEU A 211 0.53 20.09 -43.79
N TYR A 212 1.55 20.78 -43.29
CA TYR A 212 2.88 20.24 -43.29
C TYR A 212 3.30 19.88 -41.88
N VAL A 213 3.72 18.64 -41.68
CA VAL A 213 4.16 18.18 -40.39
C VAL A 213 5.67 18.12 -40.44
N PHE A 214 6.32 18.78 -39.49
CA PHE A 214 7.77 18.86 -39.45
C PHE A 214 8.25 18.06 -38.26
N GLN A 215 8.86 16.93 -38.53
CA GLN A 215 9.13 15.99 -37.48
C GLN A 215 10.62 15.69 -37.42
N ARG A 216 11.22 15.90 -36.26
CA ARG A 216 12.61 15.50 -36.10
C ARG A 216 12.70 14.01 -35.84
N THR A 217 11.92 13.52 -34.87
CA THR A 217 11.88 12.10 -34.55
C THR A 217 10.47 11.62 -34.27
N PRO A 218 10.05 10.52 -34.90
CA PRO A 218 8.73 10.07 -34.53
C PRO A 218 8.73 9.44 -33.14
N ASN A 219 7.59 9.55 -32.47
CA ASN A 219 7.36 8.78 -31.22
C ASN A 219 6.68 7.46 -31.53
N TRP A 220 6.51 6.61 -30.53
CA TRP A 220 5.60 5.50 -30.66
C TRP A 220 4.27 6.03 -30.13
N CYS A 221 3.20 5.89 -30.90
CA CYS A 221 1.87 6.31 -30.41
C CYS A 221 0.92 5.16 -30.65
N THR A 222 -0.05 5.06 -29.73
CA THR A 222 -1.06 4.04 -29.77
C THR A 222 -2.40 4.74 -29.63
N PRO A 223 -3.49 4.05 -29.99
CA PRO A 223 -4.79 4.64 -30.01
C PRO A 223 -5.40 4.90 -28.65
N LEU A 224 -6.04 6.04 -28.51
CA LEU A 224 -6.67 6.38 -27.27
C LEU A 224 -7.87 5.49 -27.07
N GLY A 225 -8.71 5.30 -28.09
CA GLY A 225 -9.97 4.55 -27.90
C GLY A 225 -10.98 5.33 -27.03
N ASN A 226 -10.91 6.67 -27.07
CA ASN A 226 -11.91 7.51 -26.37
C ASN A 226 -13.35 7.27 -26.87
N SER A 227 -14.29 7.45 -25.99
CA SER A 227 -15.73 7.24 -26.28
C SER A 227 -16.50 7.96 -25.18
N PRO A 228 -17.78 8.30 -25.41
CA PRO A 228 -18.55 8.99 -24.36
C PRO A 228 -18.87 8.11 -23.15
N MET A 229 -19.11 8.75 -22.02
CA MET A 229 -19.37 8.07 -20.75
C MET A 229 -20.85 8.07 -20.50
N SER A 230 -21.51 6.92 -20.61
CA SER A 230 -22.96 6.90 -20.28
C SER A 230 -23.13 7.26 -18.81
N LYS A 231 -24.26 7.87 -18.50
CA LYS A 231 -24.68 8.11 -17.14
C LYS A 231 -24.65 6.79 -16.36
N GLU A 232 -25.16 5.72 -16.94
CA GLU A 232 -25.10 4.40 -16.29
C GLU A 232 -23.68 4.01 -15.84
N LYS A 233 -22.72 4.18 -16.74
CA LYS A 233 -21.31 3.84 -16.41
C LYS A 233 -20.75 4.75 -15.30
N MET A 234 -21.12 6.03 -15.33
CA MET A 234 -20.59 6.95 -14.38
C MET A 234 -21.07 6.60 -12.98
N ASP A 235 -22.32 6.17 -12.85
CA ASP A 235 -22.91 5.79 -11.57
C ASP A 235 -22.26 4.55 -11.04
N SER A 236 -22.19 3.58 -11.92
CA SER A 236 -21.49 2.39 -11.64
C SER A 236 -20.08 2.75 -11.14
N LEU A 237 -19.29 3.49 -11.91
CA LEU A 237 -17.91 3.80 -11.46
C LEU A 237 -17.91 4.47 -10.06
N ARG A 238 -18.84 5.38 -9.84
CA ARG A 238 -18.86 6.15 -8.61
C ARG A 238 -19.12 5.25 -7.41
N ASN A 239 -19.95 4.23 -7.60
CA ASN A 239 -20.22 3.28 -6.57
C ASN A 239 -18.99 2.44 -6.23
N ARG A 240 -18.09 2.24 -7.19
CA ARG A 240 -16.92 1.41 -7.02
C ARG A 240 -15.72 2.32 -6.68
N TYR A 241 -15.97 3.58 -6.33
CA TYR A 241 -14.82 4.45 -6.05
C TYR A 241 -13.94 3.90 -4.92
N PRO A 242 -14.56 3.38 -3.84
CA PRO A 242 -13.70 2.81 -2.81
C PRO A 242 -12.74 1.69 -3.28
N THR A 243 -13.15 0.81 -4.18
CA THR A 243 -12.29 -0.19 -4.75
C THR A 243 -11.23 0.33 -5.76
N ILE A 244 -11.66 1.13 -6.72
CA ILE A 244 -10.77 1.80 -7.66
C ILE A 244 -9.66 2.58 -6.93
N LEU A 245 -10.02 3.38 -5.93
CA LEU A 245 -8.97 4.01 -5.10
C LEU A 245 -7.88 3.06 -4.54
N GLU A 246 -8.24 1.89 -4.02
CA GLU A 246 -7.26 1.01 -3.41
C GLU A 246 -6.47 0.42 -4.53
N TYR A 247 -7.14 0.22 -5.66
CA TYR A 247 -6.51 -0.33 -6.84
C TYR A 247 -5.47 0.58 -7.44
N VAL A 248 -5.86 1.79 -7.80
CA VAL A 248 -4.88 2.79 -8.28
C VAL A 248 -3.76 3.02 -7.27
N LYS A 249 -4.10 2.93 -5.97
CA LYS A 249 -3.05 3.05 -4.90
C LYS A 249 -2.00 1.93 -4.86
N SER A 250 -2.24 0.84 -5.59
CA SER A 250 -1.41 -0.35 -5.49
C SER A 250 -0.58 -0.68 -6.75
N THR A 251 -0.86 0.04 -7.85
CA THR A 251 -0.18 -0.21 -9.13
C THR A 251 1.06 0.64 -9.14
N ASP A 252 2.06 0.25 -9.92
CA ASP A 252 3.31 1.03 -10.02
C ASP A 252 3.18 2.45 -10.58
N THR A 253 2.20 2.72 -11.43
CA THR A 253 2.05 4.07 -11.98
C THR A 253 0.83 4.84 -11.42
N ALA A 254 -0.04 4.17 -10.70
CA ALA A 254 -1.33 4.72 -10.29
C ALA A 254 -2.30 4.87 -11.49
N PHE A 255 -1.92 4.24 -12.61
CA PHE A 255 -2.83 3.97 -13.73
C PHE A 255 -3.68 2.72 -13.35
N PRO A 256 -4.91 2.63 -13.85
CA PRO A 256 -5.59 1.43 -13.41
C PRO A 256 -5.14 0.25 -14.27
N TYR A 257 -3.82 0.02 -14.37
CA TYR A 257 -3.30 -1.10 -15.07
C TYR A 257 -2.14 -1.65 -14.23
N HIS A 258 -1.93 -2.95 -14.28
CA HIS A 258 -0.69 -3.49 -13.76
C HIS A 258 -0.10 -4.52 -14.74
N ARG A 259 1.21 -4.70 -14.71
CA ARG A 259 1.93 -5.60 -15.61
C ARG A 259 1.41 -7.03 -15.56
N ASP A 260 1.38 -7.68 -16.72
CA ASP A 260 1.11 -9.11 -16.78
C ASP A 260 2.16 -9.83 -15.93
N PRO A 261 1.74 -10.85 -15.18
CA PRO A 261 2.77 -11.56 -14.44
C PRO A 261 3.82 -12.32 -15.32
N ARG A 262 3.65 -12.41 -16.64
CA ARG A 262 4.56 -13.25 -17.47
C ARG A 262 5.70 -12.49 -18.18
N LYS A 263 6.83 -13.19 -18.41
CA LYS A 263 7.89 -12.70 -19.30
C LYS A 263 7.40 -12.91 -20.71
N GLY A 264 7.92 -12.18 -21.68
CA GLY A 264 7.35 -12.30 -23.02
C GLY A 264 7.58 -13.69 -23.57
N THR A 265 8.70 -14.33 -23.24
CA THR A 265 9.07 -15.63 -23.81
C THR A 265 8.36 -16.82 -23.17
N ASP A 266 7.69 -16.56 -22.05
CA ASP A 266 6.77 -17.55 -21.44
C ASP A 266 5.53 -17.82 -22.31
N VAL A 267 5.36 -17.08 -23.40
CA VAL A 267 4.36 -17.50 -24.39
C VAL A 267 4.95 -17.66 -25.79
N SER A 268 4.26 -18.48 -26.60
CA SER A 268 4.61 -18.65 -28.02
C SER A 268 4.38 -17.33 -28.77
N GLU A 269 4.84 -17.26 -30.00
CA GLU A 269 4.62 -16.12 -30.86
C GLU A 269 3.12 -15.85 -31.14
N SER A 270 2.34 -16.91 -31.34
CA SER A 270 0.89 -16.81 -31.60
C SER A 270 0.13 -16.20 -30.43
N GLU A 271 0.48 -16.68 -29.25
CA GLU A 271 -0.17 -16.18 -28.07
C GLU A 271 0.22 -14.71 -27.82
N ARG A 272 1.47 -14.30 -28.06
CA ARG A 272 1.84 -12.86 -27.87
C ARG A 272 1.07 -11.98 -28.81
N ASP A 273 0.84 -12.53 -29.99
CA ASP A 273 0.12 -11.84 -31.01
C ASP A 273 -1.33 -11.44 -30.75
N ALA A 274 -2.10 -12.41 -30.29
CA ALA A 274 -3.46 -12.27 -29.83
C ALA A 274 -3.50 -11.29 -28.66
N PHE A 275 -2.45 -11.37 -27.83
CA PHE A 275 -2.42 -10.66 -26.58
C PHE A 275 -2.26 -9.19 -26.93
N PHE A 276 -1.25 -8.92 -27.75
CA PHE A 276 -1.06 -7.59 -28.34
C PHE A 276 -2.26 -7.04 -29.13
N GLU A 277 -2.87 -7.89 -29.95
CA GLU A 277 -3.96 -7.48 -30.86
C GLU A 277 -5.09 -7.01 -30.00
N GLU A 278 -5.40 -7.79 -28.96
CA GLU A 278 -6.49 -7.53 -28.06
C GLU A 278 -6.28 -6.25 -27.25
N LEU A 279 -5.08 -6.00 -26.76
CA LEU A 279 -4.80 -4.78 -25.96
C LEU A 279 -4.81 -3.52 -26.82
N TYR A 280 -4.11 -3.62 -27.95
CA TYR A 280 -4.08 -2.58 -28.95
C TYR A 280 -5.50 -2.09 -29.21
N ARG A 281 -6.50 -2.99 -29.25
CA ARG A 281 -7.86 -2.53 -29.57
C ARG A 281 -8.66 -2.09 -28.35
N GLN A 282 -7.99 -2.03 -27.21
CA GLN A 282 -8.69 -1.70 -25.98
C GLN A 282 -8.34 -0.28 -25.61
N PRO A 283 -9.32 0.47 -25.06
CA PRO A 283 -9.00 1.89 -24.86
C PRO A 283 -7.95 2.01 -23.82
N GLY A 284 -7.14 3.05 -23.95
CA GLY A 284 -6.26 3.45 -22.88
C GLY A 284 -4.91 2.79 -22.98
N TYR A 285 -4.17 2.79 -21.87
CA TYR A 285 -2.76 2.41 -21.83
C TYR A 285 -2.44 0.91 -21.69
N GLY A 286 -3.45 0.07 -21.53
CA GLY A 286 -3.26 -1.37 -21.44
C GLY A 286 -2.11 -1.85 -22.27
N ILE A 287 -2.08 -1.51 -23.55
CA ILE A 287 -0.99 -1.98 -24.44
C ILE A 287 0.44 -1.75 -23.86
N TRP A 288 0.57 -0.72 -23.05
CA TRP A 288 1.81 -0.37 -22.44
C TRP A 288 1.91 -0.96 -21.03
N LEU A 289 1.00 -0.55 -20.16
CA LEU A 289 1.11 -0.83 -18.75
C LEU A 289 0.53 -2.20 -18.30
N SER A 290 -0.23 -2.89 -19.16
CA SER A 290 -0.59 -4.26 -18.87
C SER A 290 0.34 -5.27 -19.53
N GLY A 291 1.47 -4.85 -20.03
CA GLY A 291 2.24 -5.73 -20.90
C GLY A 291 3.02 -6.75 -20.12
N PHE A 292 3.89 -7.52 -20.80
CA PHE A 292 4.69 -8.51 -20.11
C PHE A 292 5.62 -7.86 -19.09
N ARG A 293 5.98 -8.58 -18.03
CA ARG A 293 6.60 -7.90 -16.89
C ARG A 293 8.01 -7.38 -17.22
N ASP A 294 8.59 -7.89 -18.31
CA ASP A 294 9.99 -7.56 -18.66
C ASP A 294 10.09 -6.65 -19.85
N LEU A 295 9.02 -5.88 -20.07
CA LEU A 295 8.86 -5.15 -21.32
C LEU A 295 9.85 -4.00 -21.40
N LEU A 296 10.09 -3.36 -20.26
CA LEU A 296 11.09 -2.35 -20.14
C LEU A 296 12.42 -2.85 -19.55
N LEU A 297 12.61 -4.15 -19.36
CA LEU A 297 13.86 -4.67 -18.78
C LEU A 297 14.78 -5.44 -19.76
N ASN A 298 14.21 -5.94 -20.85
CA ASN A 298 14.81 -6.94 -21.70
C ASN A 298 14.65 -6.52 -23.16
N LYS A 299 15.71 -6.45 -23.96
CA LYS A 299 15.64 -5.99 -25.37
C LYS A 299 14.70 -6.84 -26.25
N GLU A 300 14.85 -8.15 -26.11
CA GLU A 300 14.05 -9.06 -26.90
C GLU A 300 12.53 -8.93 -26.59
N SER A 301 12.19 -8.67 -25.32
CA SER A 301 10.79 -8.52 -24.92
C SER A 301 10.22 -7.24 -25.49
N ASN A 302 10.99 -6.16 -25.49
CA ASN A 302 10.54 -4.90 -26.04
C ASN A 302 10.43 -4.93 -27.57
N LYS A 303 11.31 -5.70 -28.20
CA LYS A 303 11.28 -5.84 -29.64
C LYS A 303 9.99 -6.51 -30.16
N PHE A 304 9.41 -7.40 -29.35
CA PHE A 304 8.14 -8.08 -29.71
C PHE A 304 7.04 -7.05 -29.86
N LEU A 305 6.91 -6.20 -28.87
CA LEU A 305 5.82 -5.27 -28.92
C LEU A 305 6.09 -4.13 -29.94
N ALA A 306 7.36 -3.73 -30.07
CA ALA A 306 7.75 -2.70 -31.01
C ALA A 306 7.39 -3.14 -32.43
N ASP A 307 7.89 -4.31 -32.81
CA ASP A 307 7.55 -4.97 -34.05
C ASP A 307 6.04 -4.95 -34.24
N PHE A 308 5.29 -5.32 -33.18
CA PHE A 308 3.83 -5.34 -33.32
C PHE A 308 3.25 -3.95 -33.58
N VAL A 309 3.71 -2.96 -32.85
CA VAL A 309 3.17 -1.63 -33.10
C VAL A 309 3.53 -1.15 -34.53
N ALA A 310 4.77 -1.44 -34.96
CA ALA A 310 5.23 -1.06 -36.30
C ALA A 310 4.29 -1.66 -37.35
N LYS A 311 3.97 -2.92 -37.19
CA LYS A 311 2.98 -3.55 -38.01
C LYS A 311 1.67 -2.75 -37.94
N LYS A 312 1.20 -2.37 -36.78
CA LYS A 312 -0.05 -1.66 -36.81
C LYS A 312 0.08 -0.38 -37.62
N ILE A 313 1.20 0.31 -37.46
CA ILE A 313 1.44 1.56 -38.17
C ILE A 313 1.34 1.42 -39.72
N ARG A 314 2.10 0.47 -40.32
CA ARG A 314 1.94 0.11 -41.77
C ARG A 314 0.51 -0.31 -42.22
N GLN A 315 -0.21 -1.04 -41.37
CA GLN A 315 -1.63 -1.27 -41.59
C GLN A 315 -2.41 0.01 -41.70
N ARG A 316 -2.16 0.96 -40.83
CA ARG A 316 -3.00 2.16 -40.83
C ARG A 316 -2.54 3.25 -41.81
N VAL A 317 -1.30 3.14 -42.30
CA VAL A 317 -0.76 4.14 -43.23
C VAL A 317 -0.62 3.58 -44.66
N LYS A 318 -1.43 4.09 -45.59
CA LYS A 318 -1.43 3.62 -46.98
C LYS A 318 -0.05 3.61 -47.63
N ASP A 319 0.65 4.74 -47.56
CA ASP A 319 1.89 4.94 -48.26
C ASP A 319 3.03 4.30 -47.46
N PRO A 320 3.59 3.17 -47.97
CA PRO A 320 4.71 2.50 -47.28
C PRO A 320 5.89 3.38 -46.92
N VAL A 321 6.26 4.35 -47.77
CA VAL A 321 7.41 5.23 -47.51
C VAL A 321 7.09 6.28 -46.45
N VAL A 322 5.88 6.81 -46.45
CA VAL A 322 5.41 7.70 -45.36
C VAL A 322 5.42 6.93 -44.04
N ALA A 323 4.89 5.70 -44.08
CA ALA A 323 4.78 4.88 -42.87
C ALA A 323 6.09 4.62 -42.17
N GLU A 324 7.15 4.31 -42.93
CA GLU A 324 8.39 3.88 -42.30
C GLU A 324 9.13 5.06 -41.63
N LYS A 325 8.86 6.28 -42.08
CA LYS A 325 9.30 7.49 -41.36
C LYS A 325 8.55 7.75 -40.06
N LEU A 326 7.31 7.24 -39.95
CA LEU A 326 6.51 7.35 -38.70
C LEU A 326 6.84 6.24 -37.67
N ILE A 327 7.75 5.31 -38.00
CA ILE A 327 8.13 4.22 -37.11
C ILE A 327 9.53 4.45 -36.56
N PRO A 328 9.64 4.66 -35.23
CA PRO A 328 10.95 4.96 -34.66
C PRO A 328 11.90 3.81 -34.91
N LYS A 329 13.20 4.07 -34.97
CA LYS A 329 14.21 2.98 -34.84
C LYS A 329 15.22 3.37 -33.76
N ASP A 330 15.29 4.69 -33.57
CA ASP A 330 15.93 5.39 -32.45
C ASP A 330 15.81 4.64 -31.14
N HIS A 331 14.65 4.05 -30.85
CA HIS A 331 14.33 3.72 -29.47
C HIS A 331 13.27 2.62 -29.20
N PRO A 332 13.33 2.04 -27.97
CA PRO A 332 12.45 0.97 -27.57
C PRO A 332 11.08 1.54 -27.18
N PHE A 333 10.07 0.66 -27.22
CA PHE A 333 8.71 1.08 -27.04
C PHE A 333 8.48 1.33 -25.55
N GLY A 334 7.87 2.45 -25.22
CA GLY A 334 7.58 2.75 -23.82
C GLY A 334 8.72 3.46 -23.11
N ALA A 335 9.78 3.82 -23.84
CA ALA A 335 10.95 4.48 -23.23
C ALA A 335 10.76 5.98 -23.11
N LYS A 336 9.60 6.48 -23.56
CA LYS A 336 9.12 7.83 -23.26
C LYS A 336 7.67 7.61 -22.89
N ARG A 337 7.02 8.60 -22.25
CA ARG A 337 5.58 8.54 -22.03
C ARG A 337 4.83 8.52 -23.39
N VAL A 338 4.09 7.45 -23.64
CA VAL A 338 3.56 7.15 -24.97
C VAL A 338 2.40 8.08 -25.33
N PRO A 339 2.53 8.82 -26.44
CA PRO A 339 1.40 9.65 -26.82
C PRO A 339 0.22 8.79 -27.25
N MET A 340 -1.00 9.16 -26.86
CA MET A 340 -2.17 8.39 -27.33
C MET A 340 -2.90 9.22 -28.31
N GLU A 341 -3.47 8.56 -29.31
CA GLU A 341 -4.05 9.28 -30.42
C GLU A 341 -5.45 8.82 -30.89
N THR A 342 -6.09 9.71 -31.63
CA THR A 342 -7.35 9.47 -32.28
C THR A 342 -7.12 9.70 -33.76
N ASN A 343 -7.05 8.63 -34.52
CA ASN A 343 -6.80 8.72 -35.96
C ASN A 343 -5.56 9.53 -36.38
N TYR A 344 -4.52 9.54 -35.56
CA TYR A 344 -3.28 10.25 -35.90
C TYR A 344 -2.68 9.73 -37.20
N TYR A 345 -2.47 8.43 -37.30
CA TYR A 345 -1.85 7.90 -38.50
C TYR A 345 -2.70 8.02 -39.77
N GLU A 346 -4.02 8.01 -39.63
CA GLU A 346 -4.86 8.06 -40.83
C GLU A 346 -4.94 9.47 -41.39
N THR A 347 -4.45 10.43 -40.63
CA THR A 347 -4.31 11.78 -41.12
C THR A 347 -3.34 11.85 -42.33
N TYR A 348 -2.28 11.07 -42.33
CA TYR A 348 -1.25 11.12 -43.36
C TYR A 348 -1.63 10.42 -44.62
N ASN A 349 -2.76 9.71 -44.58
CA ASN A 349 -3.37 9.21 -45.79
C ASN A 349 -4.07 10.31 -46.64
N ARG A 350 -4.50 11.41 -46.03
CA ARG A 350 -5.06 12.53 -46.75
C ARG A 350 -4.15 13.13 -47.85
N ASP A 351 -4.79 13.67 -48.89
CA ASP A 351 -4.10 14.34 -49.99
C ASP A 351 -3.36 15.59 -49.50
N ASN A 352 -4.03 16.33 -48.62
CA ASN A 352 -3.58 17.65 -48.25
C ASN A 352 -2.55 17.66 -47.08
N VAL A 353 -2.03 16.49 -46.69
CA VAL A 353 -1.17 16.37 -45.53
C VAL A 353 0.19 15.75 -45.90
N HIS A 354 1.26 16.46 -45.53
CA HIS A 354 2.61 16.08 -45.81
C HIS A 354 3.48 15.96 -44.58
N LEU A 355 4.21 14.85 -44.54
CA LEU A 355 5.21 14.64 -43.52
C LEU A 355 6.55 15.16 -44.04
N VAL A 356 7.14 16.09 -43.30
CA VAL A 356 8.45 16.62 -43.62
C VAL A 356 9.47 16.15 -42.64
N ASP A 357 10.36 15.29 -43.12
CA ASP A 357 11.47 14.78 -42.36
C ASP A 357 12.59 15.80 -42.19
N ILE A 358 12.62 16.45 -41.03
CA ILE A 358 13.66 17.45 -40.73
C ILE A 358 14.94 16.93 -40.03
N ARG A 359 14.98 15.64 -39.70
CA ARG A 359 16.26 15.05 -39.34
C ARG A 359 17.16 15.11 -40.60
N GLU A 360 16.65 14.59 -41.72
CA GLU A 360 17.47 14.50 -42.92
C GLU A 360 17.75 15.90 -43.46
N ALA A 361 16.76 16.78 -43.33
CA ALA A 361 16.79 18.16 -43.83
C ALA A 361 16.35 19.19 -42.75
N PRO A 362 17.28 19.61 -41.86
CA PRO A 362 16.87 20.38 -40.66
C PRO A 362 16.28 21.74 -40.98
N ILE A 363 15.38 22.27 -40.15
CA ILE A 363 14.93 23.64 -40.44
C ILE A 363 16.16 24.58 -40.46
N GLN A 364 16.32 25.35 -41.52
CA GLN A 364 17.33 26.40 -41.44
C GLN A 364 16.92 27.69 -40.80
N GLU A 365 15.67 28.12 -40.97
CA GLU A 365 15.17 29.29 -40.27
C GLU A 365 13.72 29.52 -40.67
N VAL A 366 13.02 30.32 -39.87
CA VAL A 366 11.70 30.83 -40.19
C VAL A 366 11.77 32.22 -40.88
N THR A 367 10.86 32.41 -41.83
CA THR A 367 10.92 33.39 -42.92
C THR A 367 9.65 34.22 -42.96
N PRO A 368 9.71 35.48 -43.44
CA PRO A 368 8.41 36.19 -43.49
C PRO A 368 7.31 35.39 -44.25
N GLU A 369 7.74 34.52 -45.16
CA GLU A 369 6.91 33.74 -46.07
C GLU A 369 6.47 32.41 -45.46
N GLY A 370 7.31 31.80 -44.61
CA GLY A 370 7.09 30.43 -44.12
C GLY A 370 8.34 29.76 -43.53
N ILE A 371 8.71 28.57 -44.01
CA ILE A 371 9.82 27.87 -43.40
C ILE A 371 10.82 27.38 -44.45
N LYS A 372 12.10 27.42 -44.07
CA LYS A 372 13.18 27.06 -44.96
C LYS A 372 13.84 25.84 -44.33
N THR A 373 14.01 24.78 -45.11
CA THR A 373 14.81 23.65 -44.61
C THR A 373 16.06 23.60 -45.43
N ALA A 374 16.98 22.69 -45.08
CA ALA A 374 18.23 22.59 -45.79
C ALA A 374 17.97 22.43 -47.28
N ASP A 375 16.77 22.05 -47.69
CA ASP A 375 16.61 21.78 -49.13
C ASP A 375 15.25 21.98 -49.77
N ALA A 376 14.32 22.59 -49.02
CA ALA A 376 13.10 23.15 -49.64
C ALA A 376 12.63 24.33 -48.85
N ALA A 377 11.72 25.12 -49.44
CA ALA A 377 11.05 26.19 -48.74
C ALA A 377 9.53 26.01 -48.73
N TYR A 378 8.90 26.37 -47.63
CA TYR A 378 7.47 26.05 -47.46
C TYR A 378 6.79 27.34 -47.13
N ASP A 379 6.00 27.86 -48.06
CA ASP A 379 5.09 29.01 -47.79
C ASP A 379 3.95 28.64 -46.88
N LEU A 380 3.74 29.39 -45.80
CA LEU A 380 2.72 29.01 -44.86
C LEU A 380 1.95 30.20 -44.39
N ASP A 381 0.69 30.02 -44.03
CA ASP A 381 -0.11 31.13 -43.55
C ASP A 381 -0.22 31.05 -42.03
N VAL A 382 0.24 29.91 -41.47
CA VAL A 382 0.11 29.59 -40.02
C VAL A 382 1.22 28.60 -39.59
N ILE A 383 1.81 28.82 -38.42
CA ILE A 383 2.82 27.95 -37.83
C ILE A 383 2.45 27.72 -36.35
N ILE A 384 2.44 26.46 -35.96
CA ILE A 384 2.01 26.07 -34.63
C ILE A 384 3.24 25.34 -34.13
N TYR A 385 3.71 25.79 -32.95
CA TYR A 385 4.87 25.26 -32.28
C TYR A 385 4.56 24.22 -31.18
N ALA A 386 4.50 22.95 -31.60
CA ALA A 386 4.27 21.87 -30.65
C ALA A 386 5.62 21.32 -30.17
N THR A 387 6.47 22.23 -29.66
CA THR A 387 7.88 21.85 -29.37
C THR A 387 8.19 21.47 -27.93
N GLY A 388 7.17 21.51 -27.08
CA GLY A 388 7.24 20.81 -25.77
C GLY A 388 7.95 21.64 -24.73
N PHE A 389 8.39 21.01 -23.65
CA PHE A 389 9.01 21.77 -22.53
C PHE A 389 10.39 21.17 -22.16
N ASP A 390 11.20 21.85 -21.34
CA ASP A 390 12.67 21.52 -21.19
C ASP A 390 13.16 20.06 -20.99
N GLY A 394 13.87 22.59 -16.13
CA GLY A 394 12.64 22.35 -15.34
C GLY A 394 11.96 23.67 -14.94
N SER A 395 10.92 23.58 -14.11
CA SER A 395 10.11 24.78 -13.75
C SER A 395 10.71 25.56 -12.60
N LEU A 396 11.57 24.91 -11.83
CA LEU A 396 12.20 25.57 -10.71
C LEU A 396 13.31 26.45 -11.20
N ASP A 397 13.93 26.04 -12.29
CA ASP A 397 14.99 26.80 -12.92
C ASP A 397 14.65 28.23 -13.26
N ARG A 398 13.37 28.61 -13.20
CA ARG A 398 12.97 29.96 -13.60
C ARG A 398 12.80 30.83 -12.39
N ILE A 399 13.00 30.25 -11.20
CA ILE A 399 12.99 31.04 -9.96
C ILE A 399 14.42 31.05 -9.38
N ASP A 400 14.92 32.22 -9.01
CA ASP A 400 16.17 32.34 -8.26
C ASP A 400 15.97 31.82 -6.82
N ILE A 401 16.30 30.54 -6.64
CA ILE A 401 16.19 29.83 -5.37
C ILE A 401 17.61 29.68 -4.85
N ARG A 402 17.78 30.27 -3.66
CA ARG A 402 19.03 30.34 -3.01
C ARG A 402 18.88 29.69 -1.62
N GLY A 403 19.75 28.75 -1.28
CA GLY A 403 19.78 28.17 0.06
C GLY A 403 20.93 28.64 0.92
N LYS A 404 21.33 27.81 1.83
CA LYS A 404 22.45 28.12 2.72
C LYS A 404 23.70 28.46 1.92
N ASP A 405 24.41 29.49 2.41
CA ASP A 405 25.63 30.02 1.81
C ASP A 405 25.36 30.74 0.48
N ASN A 406 24.09 31.03 0.23
CA ASN A 406 23.65 31.66 -1.00
C ASN A 406 23.82 30.77 -2.25
N VAL A 407 23.87 29.46 -2.03
CA VAL A 407 24.00 28.51 -3.11
C VAL A 407 22.70 28.48 -3.92
N ARG A 408 22.81 28.54 -5.23
CA ARG A 408 21.67 28.42 -6.12
C ARG A 408 21.27 26.98 -6.26
N LEU A 409 19.96 26.74 -6.24
CA LEU A 409 19.41 25.40 -6.56
C LEU A 409 19.96 24.84 -7.86
N ILE A 410 20.01 25.67 -8.88
CA ILE A 410 20.57 25.27 -10.18
C ILE A 410 21.98 24.72 -10.13
N ASP A 411 22.86 25.41 -9.40
CA ASP A 411 24.26 24.92 -9.20
C ASP A 411 24.33 23.61 -8.35
N ALA A 412 23.51 23.54 -7.30
CA ALA A 412 23.43 22.35 -6.48
C ALA A 412 23.12 21.10 -7.31
N TRP A 413 22.25 21.27 -8.29
CA TRP A 413 21.80 20.17 -9.09
C TRP A 413 22.46 20.11 -10.44
N ALA A 414 23.56 20.82 -10.64
CA ALA A 414 24.15 20.84 -11.96
C ALA A 414 24.49 19.45 -12.38
N GLU A 415 25.01 18.65 -11.47
CA GLU A 415 25.43 17.30 -11.83
C GLU A 415 24.27 16.31 -11.74
N GLY A 416 23.04 16.80 -11.77
CA GLY A 416 21.93 15.91 -11.58
C GLY A 416 21.20 16.31 -10.32
N PRO A 417 19.89 16.04 -10.27
CA PRO A 417 19.17 16.36 -9.07
C PRO A 417 19.64 15.43 -7.97
N SER A 418 19.81 16.02 -6.78
CA SER A 418 20.23 15.32 -5.60
C SER A 418 19.25 15.60 -4.44
N THR A 419 18.51 14.57 -4.05
CA THR A 419 17.54 14.72 -3.01
C THR A 419 17.54 13.55 -2.08
N TYR A 420 16.86 13.76 -0.96
CA TYR A 420 16.38 12.69 -0.12
C TYR A 420 14.87 12.53 -0.36
N LEU A 421 14.47 11.31 -0.75
CA LEU A 421 13.04 10.95 -0.92
C LEU A 421 12.37 11.70 -2.07
N GLY A 422 13.19 12.18 -3.00
CA GLY A 422 12.76 13.07 -4.07
C GLY A 422 12.04 14.31 -3.56
N LEU A 423 12.17 14.64 -2.27
CA LEU A 423 11.41 15.78 -1.69
C LEU A 423 12.20 16.96 -1.14
N GLN A 424 13.37 16.72 -0.53
CA GLN A 424 14.23 17.82 -0.14
C GLN A 424 15.66 17.63 -0.66
N ALA A 425 16.33 18.76 -0.92
CA ALA A 425 17.75 18.72 -1.25
C ALA A 425 18.61 19.31 -0.12
N ARG A 426 19.76 18.70 0.13
CA ARG A 426 20.66 19.23 1.13
C ARG A 426 21.14 20.62 0.65
N GLY A 427 21.36 21.54 1.60
CA GLY A 427 21.55 22.94 1.25
C GLY A 427 20.23 23.73 1.27
N PHE A 428 19.07 23.08 1.16
CA PHE A 428 17.82 23.83 0.98
C PHE A 428 16.73 23.55 2.05
N PRO A 429 16.97 24.01 3.27
CA PRO A 429 16.12 23.41 4.27
C PRO A 429 14.67 23.88 4.20
N ASN A 430 13.78 23.10 4.81
CA ASN A 430 12.38 23.48 4.90
C ASN A 430 11.74 23.73 3.52
N PHE A 431 12.33 23.18 2.46
CA PHE A 431 11.84 23.40 1.12
C PHE A 431 11.41 22.07 0.52
N PHE A 432 10.18 21.96 0.01
CA PHE A 432 9.70 20.68 -0.59
C PHE A 432 9.45 20.72 -2.10
N THR A 433 9.96 19.75 -2.84
CA THR A 433 9.74 19.73 -4.27
C THR A 433 8.72 18.70 -4.65
N LEU A 434 7.47 19.14 -4.78
CA LEU A 434 6.40 18.22 -5.15
C LEU A 434 6.28 17.98 -6.67
N VAL A 435 6.07 16.73 -7.05
CA VAL A 435 5.76 16.34 -8.42
C VAL A 435 6.77 16.95 -9.34
N GLY A 436 7.77 16.17 -9.69
CA GLY A 436 8.66 16.57 -10.73
C GLY A 436 9.21 15.29 -11.21
N PRO A 437 9.92 15.36 -12.34
CA PRO A 437 10.48 14.16 -12.93
C PRO A 437 11.34 13.38 -11.94
N HIS A 438 12.00 14.11 -11.02
CA HIS A 438 12.99 13.56 -10.05
C HIS A 438 12.37 12.79 -8.86
N ASN A 439 11.05 12.91 -8.74
CA ASN A 439 10.29 12.12 -7.80
C ASN A 439 9.20 11.26 -8.44
N GLY A 440 9.13 11.23 -9.76
CA GLY A 440 8.38 10.16 -10.49
C GLY A 440 7.36 10.55 -11.56
N SER A 441 7.06 11.85 -11.61
CA SER A 441 5.99 12.42 -12.41
C SER A 441 5.90 11.94 -13.87
N THR A 442 7.06 11.72 -14.50
CA THR A 442 7.19 11.34 -15.91
C THR A 442 6.36 10.13 -16.31
N PHE A 443 6.33 9.12 -15.47
CA PHE A 443 5.49 7.96 -15.78
C PHE A 443 4.28 7.75 -14.84
N CYS A 444 3.93 8.73 -14.01
CA CYS A 444 2.79 8.62 -13.05
C CYS A 444 1.49 9.06 -13.63
N ASN A 445 0.41 8.51 -13.09
CA ASN A 445 -0.90 9.18 -13.03
C ASN A 445 -0.71 10.23 -11.95
N VAL A 446 -0.43 11.45 -12.38
CA VAL A 446 -0.10 12.54 -11.47
C VAL A 446 -1.30 13.04 -10.66
N GLY A 447 -2.51 12.94 -11.20
CA GLY A 447 -3.69 13.21 -10.35
C GLY A 447 -3.64 12.48 -9.00
N VAL A 448 -3.18 11.22 -9.03
CA VAL A 448 -3.08 10.40 -7.85
C VAL A 448 -1.75 10.53 -7.13
N CYS A 449 -0.64 10.26 -7.85
CA CYS A 449 0.71 10.35 -7.29
C CYS A 449 1.00 11.66 -6.55
N GLY A 450 0.60 12.77 -7.17
CA GLY A 450 0.82 14.11 -6.68
C GLY A 450 0.03 14.28 -5.42
N GLY A 451 -1.16 13.73 -5.43
CA GLY A 451 -2.07 13.92 -4.28
C GLY A 451 -1.55 13.19 -3.05
N LEU A 452 -1.07 11.97 -3.24
CA LEU A 452 -0.54 11.18 -2.15
C LEU A 452 0.75 11.79 -1.58
N GLN A 453 1.61 12.29 -2.46
CA GLN A 453 2.85 12.92 -2.04
C GLN A 453 2.58 14.20 -1.24
N ALA A 454 1.56 14.97 -1.59
CA ALA A 454 1.11 16.13 -0.79
C ALA A 454 0.63 15.78 0.61
N GLU A 455 -0.11 14.71 0.73
CA GLU A 455 -0.62 14.30 2.04
C GLU A 455 0.56 13.88 2.93
N TRP A 456 1.60 13.26 2.35
CA TRP A 456 2.79 12.90 3.09
C TRP A 456 3.51 14.13 3.65
N VAL A 457 3.75 15.12 2.78
CA VAL A 457 4.40 16.36 3.18
C VAL A 457 3.60 17.05 4.27
N LEU A 458 2.28 17.05 4.13
CA LEU A 458 1.44 17.55 5.17
C LEU A 458 1.75 16.76 6.46
N ARG A 459 2.02 15.46 6.39
CA ARG A 459 2.18 14.73 7.63
C ARG A 459 3.43 15.12 8.36
N MET A 460 4.53 15.28 7.61
CA MET A 460 5.82 15.80 8.11
C MET A 460 5.75 17.24 8.66
N ILE A 461 5.13 18.15 7.92
CA ILE A 461 4.95 19.47 8.48
C ILE A 461 4.22 19.41 9.81
N SER A 462 3.15 18.61 9.90
CA SER A 462 2.36 18.53 11.14
C SER A 462 3.17 17.98 12.27
N TYR A 463 4.07 17.06 11.97
CA TYR A 463 4.97 16.47 12.97
C TYR A 463 5.94 17.56 13.50
N MET A 464 6.33 18.50 12.63
CA MET A 464 7.32 19.49 13.07
C MET A 464 6.68 20.52 13.99
N LYS A 465 5.53 21.01 13.58
CA LYS A 465 4.67 21.80 14.42
C LYS A 465 4.39 21.08 15.76
N ASP A 466 3.99 19.82 15.72
CA ASP A 466 3.62 19.12 16.96
C ASP A 466 4.77 18.99 17.95
N ASN A 467 5.97 18.81 17.42
CA ASN A 467 7.14 18.73 18.25
C ASN A 467 7.88 20.05 18.39
N GLY A 468 7.33 21.12 17.83
CA GLY A 468 7.93 22.46 17.91
C GLY A 468 9.27 22.50 17.18
N PHE A 469 9.42 21.74 16.11
CA PHE A 469 10.65 21.75 15.33
C PHE A 469 10.44 22.80 14.24
N THR A 470 11.48 23.54 13.92
CA THR A 470 11.41 24.64 12.95
C THR A 470 12.44 24.47 11.82
N TYR A 471 13.25 23.39 11.85
CA TYR A 471 14.30 23.17 10.86
C TYR A 471 14.41 21.72 10.32
N SER A 472 14.39 21.54 9.00
CA SER A 472 14.59 20.20 8.46
C SER A 472 15.53 20.22 7.26
N GLU A 473 16.42 19.23 7.18
CA GLU A 473 17.33 19.14 6.04
C GLU A 473 17.84 17.71 5.97
N PRO A 474 17.93 17.14 4.76
CA PRO A 474 18.54 15.80 4.62
C PRO A 474 19.99 15.82 5.06
N THR A 475 20.50 14.73 5.63
CA THR A 475 21.94 14.56 5.83
C THR A 475 22.54 14.22 4.52
N GLN A 476 23.88 14.30 4.42
CA GLN A 476 24.59 14.03 3.19
C GLN A 476 24.49 12.54 2.90
N ALA A 477 24.69 11.71 3.92
CA ALA A 477 24.58 10.25 3.79
C ALA A 477 23.23 9.75 3.26
N ALA A 478 22.13 10.24 3.83
CA ALA A 478 20.79 9.86 3.40
C ALA A 478 20.49 10.32 1.99
N GLU A 479 20.96 11.51 1.62
CA GLU A 479 20.82 12.03 0.25
C GLU A 479 21.66 11.21 -0.74
N ASN A 480 22.93 10.98 -0.46
CA ASN A 480 23.72 10.19 -1.39
C ASN A 480 23.08 8.85 -1.57
N ARG A 481 22.50 8.29 -0.49
CA ARG A 481 22.02 6.90 -0.58
C ARG A 481 20.79 6.79 -1.43
N TRP A 482 19.88 7.72 -1.24
CA TRP A 482 18.67 7.67 -1.99
C TRP A 482 19.01 7.89 -3.49
N THR A 483 19.86 8.89 -3.74
CA THR A 483 20.16 9.33 -5.10
C THR A 483 20.83 8.21 -5.86
N GLU A 484 21.77 7.49 -5.23
CA GLU A 484 22.38 6.31 -5.86
C GLU A 484 21.36 5.23 -6.09
N GLU A 485 20.44 5.00 -5.16
CA GLU A 485 19.37 4.01 -5.40
C GLU A 485 18.45 4.36 -6.57
N VAL A 486 17.95 5.58 -6.61
CA VAL A 486 17.19 6.07 -7.75
C VAL A 486 17.99 5.82 -9.06
N TYR A 487 19.24 6.22 -9.09
CA TYR A 487 20.01 5.91 -10.28
C TYR A 487 20.08 4.42 -10.59
N ALA A 488 20.43 3.60 -9.61
CA ALA A 488 20.51 2.14 -9.79
C ALA A 488 19.19 1.51 -10.30
N ASP A 489 18.04 1.88 -9.73
CA ASP A 489 16.78 1.35 -10.25
C ASP A 489 16.64 1.72 -11.72
N PHE A 490 17.08 2.91 -12.05
CA PHE A 490 16.88 3.40 -13.39
C PHE A 490 17.80 2.64 -14.38
N SER A 491 18.99 2.26 -13.94
CA SER A 491 19.97 1.62 -14.83
C SER A 491 19.59 0.18 -15.19
N ARG A 492 18.67 -0.39 -14.43
CA ARG A 492 18.32 -1.77 -14.63
C ARG A 492 17.34 -1.91 -15.80
N THR A 493 16.79 -0.77 -16.24
CA THR A 493 15.80 -0.73 -17.25
C THR A 493 16.35 -0.27 -18.57
N LEU A 494 15.47 -0.27 -19.56
CA LEU A 494 15.92 -0.05 -20.92
C LEU A 494 16.11 1.42 -21.20
N LEU A 495 15.57 2.30 -20.34
CA LEU A 495 15.53 3.76 -20.57
C LEU A 495 16.90 4.38 -20.40
N ALA A 496 17.76 3.62 -19.76
CA ALA A 496 19.08 4.05 -19.39
C ALA A 496 19.97 4.31 -20.61
N GLU A 497 19.89 3.42 -21.60
CA GLU A 497 20.66 3.55 -22.84
C GLU A 497 19.77 4.19 -23.91
N ALA A 498 18.48 4.23 -23.62
CA ALA A 498 17.51 4.85 -24.54
C ALA A 498 17.74 6.35 -24.53
N ASN A 499 17.60 6.94 -23.32
CA ASN A 499 17.69 8.40 -23.07
C ASN A 499 19.02 8.87 -22.45
N ALA A 500 20.01 9.04 -23.31
CA ALA A 500 21.39 9.23 -22.87
C ALA A 500 21.47 10.49 -22.00
N TRP A 501 20.73 11.53 -22.40
CA TRP A 501 20.72 12.82 -21.70
C TRP A 501 19.87 12.88 -20.40
N TRP A 502 19.12 11.81 -20.14
CA TRP A 502 18.47 11.59 -18.83
C TRP A 502 19.45 11.20 -17.71
N VAL A 503 20.70 10.92 -18.08
CA VAL A 503 21.74 10.58 -17.14
C VAL A 503 22.86 11.63 -17.22
N LYS A 504 23.08 12.27 -16.08
CA LYS A 504 24.25 13.10 -15.78
C LYS A 504 25.44 12.25 -15.29
N THR A 505 26.51 12.23 -16.07
CA THR A 505 27.74 11.63 -15.57
C THR A 505 28.80 12.70 -15.44
N THR A 506 29.39 12.75 -14.24
CA THR A 506 30.47 13.68 -13.92
C THR A 506 31.64 12.90 -13.36
N THR A 507 32.83 13.20 -13.85
CA THR A 507 34.08 12.57 -13.37
C THR A 507 34.86 13.70 -12.70
N LYS A 508 34.72 13.87 -11.39
CA LYS A 508 35.23 15.04 -10.66
C LYS A 508 36.78 15.13 -10.69
N PRO A 509 37.37 16.37 -10.55
CA PRO A 509 38.89 16.47 -10.69
C PRO A 509 39.67 15.36 -9.91
N ASP A 510 39.20 15.02 -8.68
CA ASP A 510 39.77 13.93 -7.87
C ASP A 510 39.72 12.55 -8.55
N GLY A 511 38.86 12.46 -9.57
CA GLY A 511 38.86 11.33 -10.49
C GLY A 511 37.75 10.36 -10.21
N SER A 512 36.83 10.76 -9.31
CA SER A 512 35.59 9.97 -8.96
C SER A 512 34.44 10.22 -9.95
N VAL A 513 33.60 9.16 -10.16
CA VAL A 513 32.39 9.16 -11.04
C VAL A 513 31.03 9.23 -10.26
N VAL A 514 30.24 10.26 -10.57
CA VAL A 514 28.92 10.47 -9.96
C VAL A 514 27.89 10.15 -11.06
N ARG A 515 26.94 9.26 -10.81
CA ARG A 515 25.85 9.08 -11.77
C ARG A 515 24.46 9.45 -11.17
N ARG A 516 23.74 10.33 -11.86
CA ARG A 516 22.39 10.69 -11.46
C ARG A 516 21.45 10.65 -12.64
N THR A 517 20.32 9.99 -12.50
CA THR A 517 19.19 10.11 -13.46
C THR A 517 18.37 11.36 -13.15
N LEU A 518 17.86 11.98 -14.22
CA LEU A 518 16.96 13.10 -14.11
C LEU A 518 15.58 12.58 -13.71
N VAL A 519 15.37 11.28 -13.95
CA VAL A 519 14.05 10.67 -13.87
C VAL A 519 14.00 9.45 -12.99
N HIS A 520 13.17 9.59 -11.98
CA HIS A 520 12.92 8.57 -11.01
C HIS A 520 11.89 7.60 -11.59
N VAL A 521 12.15 6.29 -11.54
CA VAL A 521 11.24 5.28 -12.13
C VAL A 521 10.82 4.13 -11.21
N SER A 522 11.18 4.21 -9.95
CA SER A 522 10.78 3.21 -8.96
C SER A 522 9.24 3.20 -8.91
N GLY A 523 8.66 2.02 -8.66
CA GLY A 523 7.22 1.91 -8.46
C GLY A 523 6.71 2.78 -7.32
N GLY A 524 5.48 3.26 -7.45
CA GLY A 524 4.91 4.22 -6.50
C GLY A 524 4.67 3.65 -5.10
N PRO A 525 4.00 2.46 -5.02
CA PRO A 525 3.78 1.82 -3.73
C PRO A 525 5.09 1.51 -3.00
N GLU A 526 6.10 1.04 -3.72
CA GLU A 526 7.41 0.79 -3.15
C GLU A 526 8.16 2.09 -2.68
N TYR A 527 7.95 3.19 -3.38
CA TYR A 527 8.52 4.46 -3.01
C TYR A 527 7.80 5.07 -1.79
N ARG A 528 6.46 5.07 -1.80
CA ARG A 528 5.68 5.53 -0.63
C ARG A 528 5.99 4.70 0.64
N LYS A 529 6.25 3.42 0.46
CA LYS A 529 6.55 2.61 1.60
C LYS A 529 7.87 3.10 2.21
N ARG A 530 8.87 3.38 1.36
CA ARG A 530 10.15 3.84 1.90
C ARG A 530 10.00 5.19 2.59
N CYS A 531 9.09 6.00 2.07
CA CYS A 531 8.72 7.23 2.72
C CYS A 531 8.12 6.98 4.08
N GLU A 532 7.30 5.95 4.22
CA GLU A 532 6.62 5.72 5.47
C GLU A 532 7.52 5.09 6.51
N GLN A 533 8.44 4.24 6.09
CA GLN A 533 9.48 3.78 6.99
C GLN A 533 10.20 5.02 7.58
N VAL A 534 10.60 5.95 6.70
CA VAL A 534 11.28 7.17 7.13
C VAL A 534 10.42 7.96 8.13
N ALA A 535 9.21 8.34 7.74
CA ALA A 535 8.32 9.15 8.66
C ALA A 535 8.11 8.52 10.03
N TYR A 536 7.70 7.25 10.06
CA TYR A 536 7.51 6.53 11.29
C TYR A 536 8.76 6.52 12.17
N ASN A 537 9.93 6.31 11.57
CA ASN A 537 11.16 6.30 12.34
CA ASN A 537 11.18 6.31 12.33
C ASN A 537 11.67 7.75 12.59
N ASN A 538 10.76 8.61 13.03
CA ASN A 538 11.06 10.02 13.37
C ASN A 538 11.83 10.81 12.31
N TYR A 539 11.47 10.57 11.06
CA TYR A 539 12.14 11.16 9.89
C TYR A 539 13.64 10.96 9.82
N ASN A 540 14.06 9.76 10.25
CA ASN A 540 15.44 9.25 10.08
C ASN A 540 15.95 9.61 8.71
N GLY A 541 17.03 10.39 8.68
CA GLY A 541 17.62 10.81 7.41
C GLY A 541 17.54 12.31 7.19
N PHE A 542 16.47 12.93 7.70
CA PHE A 542 16.42 14.37 7.90
C PHE A 542 17.07 14.77 9.23
N GLU A 543 17.89 15.84 9.24
CA GLU A 543 18.26 16.47 10.51
C GLU A 543 17.06 17.32 10.86
N LEU A 544 16.70 17.33 12.14
CA LEU A 544 15.57 18.11 12.62
C LEU A 544 15.93 18.89 13.87
N ALA A 545 15.59 20.17 13.88
CA ALA A 545 15.77 21.02 15.04
C ALA A 545 14.59 21.98 15.22
N LYS B 6 -37.82 -17.63 -2.30
CA LYS B 6 -37.87 -17.11 -0.92
C LYS B 6 -36.64 -16.24 -0.66
N SER B 7 -36.89 -15.12 0.00
CA SER B 7 -35.97 -14.02 0.24
C SER B 7 -35.44 -14.08 1.68
N PRO B 8 -34.09 -14.00 1.87
CA PRO B 8 -33.58 -14.11 3.26
C PRO B 8 -34.03 -12.93 4.10
N ALA B 9 -34.07 -13.13 5.43
CA ALA B 9 -34.46 -12.06 6.38
C ALA B 9 -33.32 -11.06 6.56
N LEU B 10 -32.08 -11.52 6.43
CA LEU B 10 -30.92 -10.64 6.72
C LEU B 10 -30.02 -10.57 5.50
N ASP B 11 -29.33 -9.45 5.30
CA ASP B 11 -28.31 -9.40 4.26
C ASP B 11 -27.11 -10.24 4.69
N ALA B 12 -26.80 -10.26 5.98
CA ALA B 12 -25.62 -10.93 6.53
C ALA B 12 -25.83 -11.44 7.96
N VAL B 13 -25.20 -12.56 8.30
CA VAL B 13 -25.01 -12.98 9.67
C VAL B 13 -23.50 -13.03 9.91
N VAL B 14 -23.06 -12.42 10.98
CA VAL B 14 -21.67 -12.48 11.35
C VAL B 14 -21.55 -13.36 12.61
N ILE B 15 -20.67 -14.35 12.57
CA ILE B 15 -20.39 -15.16 13.75
C ILE B 15 -19.14 -14.70 14.50
N GLY B 16 -19.37 -14.15 15.71
CA GLY B 16 -18.32 -13.78 16.65
C GLY B 16 -18.34 -12.31 16.93
N ALA B 17 -18.03 -11.97 18.18
CA ALA B 17 -17.92 -10.58 18.61
C ALA B 17 -16.52 -10.19 19.13
N GLY B 18 -15.48 -10.81 18.57
CA GLY B 18 -14.12 -10.31 18.69
C GLY B 18 -13.97 -9.04 17.87
N VAL B 19 -12.72 -8.55 17.82
CA VAL B 19 -12.41 -7.33 17.07
C VAL B 19 -12.76 -7.47 15.61
N THR B 20 -12.56 -8.63 15.02
CA THR B 20 -13.00 -8.78 13.66
C THR B 20 -14.53 -8.64 13.48
N GLY B 21 -15.30 -9.46 14.18
CA GLY B 21 -16.67 -9.56 13.86
C GLY B 21 -17.39 -8.31 14.30
N ILE B 22 -16.98 -7.62 15.35
CA ILE B 22 -17.81 -6.45 15.70
C ILE B 22 -17.67 -5.38 14.63
N TYR B 23 -16.51 -5.35 13.99
CA TYR B 23 -16.22 -4.30 13.03
C TYR B 23 -16.99 -4.57 11.74
N GLN B 24 -16.90 -5.80 11.26
CA GLN B 24 -17.72 -6.32 10.19
C GLN B 24 -19.22 -6.00 10.38
N ALA B 25 -19.77 -6.34 11.55
CA ALA B 25 -21.19 -6.06 11.84
C ALA B 25 -21.47 -4.55 11.76
N PHE B 26 -20.62 -3.76 12.38
CA PHE B 26 -20.63 -2.33 12.21
C PHE B 26 -20.64 -1.86 10.73
N LEU B 27 -19.65 -2.26 9.95
CA LEU B 27 -19.50 -1.78 8.59
C LEU B 27 -20.72 -2.13 7.74
N ILE B 28 -21.28 -3.32 7.97
CA ILE B 28 -22.47 -3.77 7.26
C ILE B 28 -23.71 -2.98 7.64
N ASN B 29 -23.94 -2.70 8.91
CA ASN B 29 -25.15 -1.93 9.28
C ASN B 29 -25.03 -0.47 8.81
N GLN B 30 -23.85 0.12 8.89
CA GLN B 30 -23.65 1.49 8.51
C GLN B 30 -23.92 1.69 7.03
N ALA B 31 -23.56 0.71 6.22
CA ALA B 31 -23.83 0.76 4.79
C ALA B 31 -25.31 0.56 4.46
N GLY B 32 -26.15 0.43 5.49
CA GLY B 32 -27.58 0.38 5.30
C GLY B 32 -28.16 -1.00 5.22
N MET B 33 -27.32 -2.02 5.30
CA MET B 33 -27.78 -3.45 5.18
C MET B 33 -28.17 -4.02 6.54
N LYS B 34 -28.86 -5.17 6.55
CA LYS B 34 -29.35 -5.75 7.79
C LYS B 34 -28.42 -6.84 8.14
N VAL B 35 -27.81 -6.72 9.31
CA VAL B 35 -26.88 -7.71 9.78
C VAL B 35 -27.26 -8.17 11.16
N LEU B 36 -27.03 -9.45 11.44
CA LEU B 36 -27.24 -9.98 12.77
C LEU B 36 -25.97 -10.63 13.26
N GLY B 37 -25.55 -10.30 14.48
CA GLY B 37 -24.34 -10.86 15.04
C GLY B 37 -24.62 -11.98 16.02
N ILE B 38 -23.80 -13.02 16.05
CA ILE B 38 -24.00 -14.09 17.01
C ILE B 38 -22.69 -14.30 17.74
N GLU B 39 -22.72 -14.36 19.08
CA GLU B 39 -21.54 -14.60 19.96
C GLU B 39 -21.88 -15.59 21.10
N ALA B 40 -21.05 -16.62 21.29
CA ALA B 40 -21.21 -17.64 22.35
C ALA B 40 -21.14 -17.11 23.76
N GLY B 41 -20.18 -16.23 24.01
CA GLY B 41 -20.02 -15.54 25.30
C GLY B 41 -21.04 -14.46 25.56
N GLU B 42 -20.87 -13.74 26.64
CA GLU B 42 -21.90 -12.78 27.14
C GLU B 42 -21.81 -11.35 26.63
N ASP B 43 -20.70 -11.04 25.96
CA ASP B 43 -20.39 -9.70 25.53
C ASP B 43 -19.20 -9.78 24.52
N VAL B 44 -18.91 -8.63 23.92
CA VAL B 44 -17.85 -8.41 23.00
C VAL B 44 -16.48 -8.74 23.62
N GLY B 45 -15.48 -9.01 22.80
CA GLY B 45 -14.18 -9.22 23.33
C GLY B 45 -13.39 -10.21 22.52
N GLY B 46 -14.02 -11.30 22.17
CA GLY B 46 -13.33 -12.41 21.57
C GLY B 46 -12.23 -12.86 22.47
N THR B 47 -11.04 -13.00 21.90
CA THR B 47 -9.79 -13.37 22.59
C THR B 47 -9.62 -12.63 23.93
N TRP B 48 -10.11 -11.39 24.00
CA TRP B 48 -9.89 -10.46 25.11
C TRP B 48 -10.93 -10.59 26.15
N TYR B 49 -12.01 -11.24 25.74
CA TYR B 49 -13.07 -11.61 26.61
C TYR B 49 -12.77 -12.99 27.24
N TRP B 50 -12.39 -13.96 26.41
CA TRP B 50 -12.17 -15.35 26.84
C TRP B 50 -10.96 -15.52 27.73
N ASN B 51 -9.86 -14.86 27.37
CA ASN B 51 -8.58 -15.26 27.97
C ASN B 51 -8.19 -14.39 29.15
N ARG B 52 -8.47 -14.89 30.36
CA ARG B 52 -8.30 -14.09 31.57
C ARG B 52 -7.25 -14.61 32.48
N TYR B 53 -6.33 -15.41 31.97
CA TYR B 53 -5.25 -15.91 32.79
C TYR B 53 -4.22 -14.86 33.23
N PRO B 54 -3.53 -15.08 34.37
CA PRO B 54 -2.54 -14.12 34.81
C PRO B 54 -1.43 -13.92 33.78
N GLY B 55 -1.07 -12.66 33.55
CA GLY B 55 -0.01 -12.32 32.60
C GLY B 55 -0.46 -12.20 31.16
N CYS B 56 -1.75 -12.33 30.89
CA CYS B 56 -2.21 -12.26 29.52
C CYS B 56 -2.09 -10.82 29.01
N ARG B 57 -1.56 -10.67 27.79
CA ARG B 57 -1.05 -9.39 27.32
C ARG B 57 -0.74 -9.47 25.82
N LEU B 58 -0.98 -8.36 25.10
CA LEU B 58 -0.59 -8.21 23.68
C LEU B 58 0.89 -8.45 23.42
N ASP B 59 1.19 -9.07 22.30
CA ASP B 59 2.56 -8.98 21.85
C ASP B 59 2.76 -7.90 20.74
N THR B 60 1.66 -7.40 20.19
CA THR B 60 1.74 -6.18 19.38
C THR B 60 1.73 -4.94 20.24
N GLU B 61 2.55 -3.95 19.86
CA GLU B 61 2.45 -2.58 20.35
C GLU B 61 0.98 -2.07 20.50
N SER B 62 0.56 -1.73 21.71
CA SER B 62 -0.82 -1.31 21.96
C SER B 62 -1.36 -0.34 20.87
N TYR B 63 -0.54 0.63 20.48
CA TYR B 63 -0.92 1.67 19.52
C TYR B 63 -1.07 1.11 18.08
N ALA B 64 -0.33 0.07 17.73
CA ALA B 64 -0.48 -0.60 16.43
C ALA B 64 -1.63 -1.61 16.35
N TYR B 65 -2.01 -2.18 17.49
CA TYR B 65 -3.09 -3.13 17.50
C TYR B 65 -4.44 -2.42 17.48
N GLY B 66 -4.43 -1.22 18.04
CA GLY B 66 -5.64 -0.42 18.24
C GLY B 66 -6.16 0.24 16.97
N TYR B 67 -6.35 -0.55 15.92
CA TYR B 67 -7.04 -0.12 14.74
C TYR B 67 -8.24 0.82 15.01
N PHE B 68 -9.06 0.49 16.01
CA PHE B 68 -10.27 1.28 16.22
C PHE B 68 -9.94 2.75 16.56
N ALA B 69 -8.76 3.01 17.10
CA ALA B 69 -8.35 4.38 17.41
C ALA B 69 -7.62 5.00 16.20
N LEU B 70 -6.76 4.23 15.56
CA LEU B 70 -6.14 4.67 14.29
C LEU B 70 -7.17 5.15 13.27
N LYS B 71 -8.31 4.46 13.18
CA LYS B 71 -9.35 4.77 12.23
C LYS B 71 -10.30 5.86 12.72
N GLY B 72 -10.10 6.30 13.94
CA GLY B 72 -10.87 7.45 14.45
C GLY B 72 -12.28 7.10 14.85
N ILE B 73 -12.52 5.82 15.14
CA ILE B 73 -13.74 5.37 15.76
C ILE B 73 -13.63 5.67 17.27
N ILE B 74 -12.52 5.31 17.93
CA ILE B 74 -12.24 5.84 19.27
C ILE B 74 -10.88 6.54 19.37
N PRO B 75 -10.78 7.77 18.80
CA PRO B 75 -9.47 8.42 18.62
C PRO B 75 -8.88 8.86 19.95
N GLU B 76 -9.75 9.11 20.92
CA GLU B 76 -9.34 9.58 22.24
C GLU B 76 -8.79 8.52 23.18
N TRP B 77 -8.91 7.25 22.83
CA TRP B 77 -8.40 6.18 23.69
C TRP B 77 -7.01 6.48 24.25
N GLU B 78 -6.76 6.08 25.49
CA GLU B 78 -5.44 6.24 26.13
C GLU B 78 -4.90 4.86 26.55
N TRP B 79 -3.81 4.43 25.94
CA TRP B 79 -3.14 3.21 26.39
C TRP B 79 -2.35 3.49 27.66
N SER B 80 -2.32 2.55 28.60
CA SER B 80 -1.52 2.82 29.80
C SER B 80 -0.15 2.14 29.77
N GLU B 81 0.08 1.25 28.78
CA GLU B 81 1.34 0.47 28.64
C GLU B 81 1.71 0.20 27.18
N ASN B 82 2.99 -0.02 26.92
CA ASN B 82 3.40 -0.37 25.56
C ASN B 82 2.86 -1.70 25.00
N PHE B 83 2.55 -2.66 25.88
CA PHE B 83 1.96 -3.93 25.48
C PHE B 83 0.80 -4.19 26.45
N ALA B 84 -0.42 -3.75 26.10
CA ALA B 84 -1.56 -3.80 27.02
C ALA B 84 -1.92 -5.18 27.53
N SER B 85 -2.27 -5.26 28.80
CA SER B 85 -2.72 -6.50 29.43
C SER B 85 -4.14 -6.75 28.98
N GLN B 86 -4.56 -8.00 29.10
CA GLN B 86 -5.88 -8.41 28.64
C GLN B 86 -7.02 -7.61 29.29
N PRO B 87 -6.95 -7.28 30.60
CA PRO B 87 -8.08 -6.48 31.13
C PRO B 87 -8.24 -5.09 30.46
N GLU B 88 -7.09 -4.53 30.07
CA GLU B 88 -7.05 -3.27 29.37
C GLU B 88 -7.60 -3.48 27.96
N MET B 89 -7.22 -4.59 27.33
CA MET B 89 -7.68 -4.94 25.99
C MET B 89 -9.17 -5.05 25.92
N LEU B 90 -9.75 -5.71 26.92
CA LEU B 90 -11.23 -5.78 27.03
C LEU B 90 -11.89 -4.41 27.21
N ARG B 91 -11.31 -3.50 27.97
CA ARG B 91 -11.95 -2.17 28.11
C ARG B 91 -11.92 -1.46 26.73
N TYR B 92 -10.80 -1.61 26.00
CA TYR B 92 -10.67 -1.12 24.64
C TYR B 92 -11.81 -1.62 23.77
N VAL B 93 -11.98 -2.95 23.67
CA VAL B 93 -12.98 -3.51 22.77
C VAL B 93 -14.38 -3.05 23.23
N ASN B 94 -14.66 -3.09 24.52
CA ASN B 94 -15.96 -2.55 25.01
C ASN B 94 -16.16 -1.13 24.63
N ARG B 95 -15.08 -0.35 24.65
CA ARG B 95 -15.20 1.08 24.36
C ARG B 95 -15.56 1.23 22.91
N ALA B 96 -14.88 0.46 22.06
CA ALA B 96 -15.12 0.54 20.65
C ALA B 96 -16.52 0.07 20.28
N ALA B 97 -17.04 -0.90 21.02
CA ALA B 97 -18.34 -1.45 20.74
C ALA B 97 -19.42 -0.45 21.17
N ASP B 98 -19.12 0.35 22.20
CA ASP B 98 -19.96 1.48 22.62
C ASP B 98 -20.08 2.52 21.53
N ALA B 99 -18.96 2.94 20.99
CA ALA B 99 -18.95 3.96 19.94
C ALA B 99 -19.52 3.45 18.61
N MET B 100 -19.33 2.15 18.33
CA MET B 100 -19.92 1.56 17.11
C MET B 100 -21.41 1.24 17.31
N ASP B 101 -21.96 1.44 18.53
CA ASP B 101 -23.35 1.03 18.87
C ASP B 101 -23.69 -0.39 18.32
N VAL B 102 -22.74 -1.30 18.50
CA VAL B 102 -22.82 -2.60 17.85
C VAL B 102 -23.65 -3.70 18.58
N ARG B 103 -23.72 -3.61 19.91
CA ARG B 103 -24.40 -4.64 20.69
C ARG B 103 -25.85 -4.87 20.30
N LYS B 104 -26.62 -3.84 20.05
CA LYS B 104 -27.97 -4.09 19.56
C LYS B 104 -28.02 -5.07 18.35
N HIS B 105 -26.97 -5.19 17.56
CA HIS B 105 -27.02 -6.19 16.44
C HIS B 105 -26.72 -7.65 16.87
N TYR B 106 -26.45 -7.89 18.14
CA TYR B 106 -25.97 -9.19 18.55
C TYR B 106 -26.93 -10.02 19.39
N ARG B 107 -26.84 -11.34 19.21
CA ARG B 107 -27.38 -12.29 20.19
C ARG B 107 -26.17 -12.77 20.89
N PHE B 108 -26.08 -12.38 22.13
CA PHE B 108 -25.17 -13.01 23.03
C PHE B 108 -25.66 -14.36 23.57
N ASN B 109 -24.79 -15.04 24.31
CA ASN B 109 -25.08 -16.34 24.87
C ASN B 109 -25.65 -17.35 23.90
N THR B 110 -25.29 -17.20 22.62
CA THR B 110 -25.87 -17.94 21.51
C THR B 110 -24.79 -18.53 20.63
N ARG B 111 -24.99 -19.78 20.19
CA ARG B 111 -23.95 -20.51 19.44
C ARG B 111 -24.48 -20.98 18.09
N VAL B 112 -23.78 -20.67 17.00
CA VAL B 112 -24.17 -21.24 15.71
C VAL B 112 -23.71 -22.68 15.79
N THR B 113 -24.63 -23.61 15.58
CA THR B 113 -24.36 -25.01 15.77
C THR B 113 -24.34 -25.67 14.43
N ALA B 114 -25.11 -25.13 13.50
CA ALA B 114 -25.01 -25.62 12.12
C ALA B 114 -25.40 -24.52 11.11
N ALA B 115 -25.02 -24.68 9.86
CA ALA B 115 -25.43 -23.75 8.81
C ALA B 115 -25.45 -24.48 7.47
N ARG B 116 -26.55 -24.33 6.75
CA ARG B 116 -26.79 -25.06 5.52
C ARG B 116 -27.13 -24.11 4.40
N TYR B 117 -26.45 -24.29 3.27
CA TYR B 117 -26.67 -23.48 2.08
C TYR B 117 -27.87 -24.02 1.31
N VAL B 118 -28.74 -23.13 0.83
CA VAL B 118 -29.97 -23.54 0.18
C VAL B 118 -29.91 -23.05 -1.24
N GLU B 119 -29.62 -23.97 -2.15
CA GLU B 119 -29.23 -23.57 -3.50
C GLU B 119 -30.44 -22.92 -4.17
N ASN B 120 -31.63 -23.46 -4.02
CA ASN B 120 -32.76 -22.83 -4.70
C ASN B 120 -33.06 -21.37 -4.27
N ASP B 121 -32.73 -20.98 -3.04
CA ASP B 121 -32.98 -19.57 -2.70
C ASP B 121 -31.72 -18.71 -2.54
N ARG B 122 -30.54 -19.31 -2.75
CA ARG B 122 -29.21 -18.69 -2.60
C ARG B 122 -29.06 -18.01 -1.23
N LEU B 123 -29.49 -18.68 -0.16
CA LEU B 123 -29.35 -18.13 1.21
C LEU B 123 -28.80 -19.17 2.16
N TRP B 124 -28.35 -18.75 3.34
CA TRP B 124 -27.98 -19.71 4.37
C TRP B 124 -29.01 -19.76 5.46
N GLU B 125 -29.35 -20.97 5.87
CA GLU B 125 -30.09 -21.17 7.10
C GLU B 125 -29.07 -21.47 8.20
N VAL B 126 -29.15 -20.65 9.23
CA VAL B 126 -28.17 -20.63 10.32
C VAL B 126 -28.91 -21.13 11.53
N THR B 127 -28.37 -22.15 12.17
CA THR B 127 -29.06 -22.72 13.33
C THR B 127 -28.43 -22.28 14.61
N LEU B 128 -29.21 -21.68 15.49
CA LEU B 128 -28.71 -21.21 16.75
C LEU B 128 -29.16 -22.13 17.89
N ASP B 129 -28.18 -22.69 18.60
CA ASP B 129 -28.39 -23.58 19.74
C ASP B 129 -29.31 -24.73 19.42
N ASN B 130 -29.04 -25.32 18.26
CA ASN B 130 -29.85 -26.39 17.66
CA ASN B 130 -29.85 -26.43 17.70
C ASN B 130 -31.34 -26.25 17.96
N GLU B 131 -31.86 -25.05 17.68
CA GLU B 131 -33.27 -24.83 17.83
C GLU B 131 -33.76 -23.80 16.83
N GLU B 132 -33.37 -22.54 16.98
CA GLU B 132 -33.88 -21.45 16.13
C GLU B 132 -33.15 -21.37 14.79
N VAL B 133 -33.88 -21.18 13.67
CA VAL B 133 -33.26 -20.97 12.34
C VAL B 133 -33.43 -19.51 11.89
N VAL B 134 -32.33 -18.82 11.56
CA VAL B 134 -32.40 -17.50 10.89
C VAL B 134 -31.84 -17.67 9.46
N THR B 135 -32.23 -16.79 8.54
CA THR B 135 -31.74 -16.88 7.16
C THR B 135 -30.99 -15.60 6.72
N CYS B 136 -29.93 -15.73 5.97
CA CYS B 136 -29.19 -14.60 5.57
C CYS B 136 -28.69 -14.84 4.16
N ARG B 137 -28.40 -13.77 3.41
CA ARG B 137 -27.90 -13.91 2.04
C ARG B 137 -26.41 -14.30 2.11
N PHE B 138 -25.70 -13.67 3.04
CA PHE B 138 -24.29 -13.87 3.29
C PHE B 138 -24.03 -14.36 4.71
N LEU B 139 -23.16 -15.36 4.81
CA LEU B 139 -22.66 -15.82 6.06
C LEU B 139 -21.17 -15.46 6.15
N ILE B 140 -20.86 -14.78 7.24
CA ILE B 140 -19.54 -14.30 7.53
C ILE B 140 -19.02 -14.90 8.84
N SER B 141 -17.98 -15.74 8.76
CA SER B 141 -17.35 -16.22 9.96
CA SER B 141 -17.30 -16.25 9.94
C SER B 141 -16.25 -15.28 10.42
N ALA B 142 -16.42 -14.80 11.65
CA ALA B 142 -15.43 -14.04 12.32
C ALA B 142 -15.12 -14.81 13.60
N THR B 143 -14.86 -16.11 13.48
CA THR B 143 -14.84 -17.02 14.61
C THR B 143 -13.46 -17.11 15.22
N GLY B 144 -12.54 -16.29 14.74
CA GLY B 144 -11.24 -16.17 15.36
C GLY B 144 -10.38 -17.36 14.99
N PRO B 145 -9.06 -17.13 14.84
CA PRO B 145 -8.11 -18.15 14.41
C PRO B 145 -7.53 -18.94 15.57
N LEU B 146 -7.66 -18.38 16.77
CA LEU B 146 -7.01 -18.88 17.98
C LEU B 146 -8.08 -18.94 19.03
N SER B 147 -9.10 -19.64 18.60
CA SER B 147 -10.29 -19.89 19.32
C SER B 147 -10.37 -21.39 19.05
N ALA B 148 -11.17 -22.04 19.89
CA ALA B 148 -11.29 -23.49 19.85
C ALA B 148 -10.15 -24.14 20.67
N SER B 149 -10.30 -24.15 22.01
CA SER B 149 -9.25 -24.74 22.89
C SER B 149 -9.10 -26.18 22.64
N ARG B 150 -7.86 -26.67 22.66
CA ARG B 150 -7.72 -28.10 22.79
C ARG B 150 -7.21 -28.51 24.16
N MET B 151 -7.94 -29.42 24.79
CA MET B 151 -7.38 -30.14 25.88
C MET B 151 -6.36 -31.15 25.31
N PRO B 152 -5.28 -31.43 26.05
CA PRO B 152 -4.33 -32.42 25.58
C PRO B 152 -4.93 -33.83 25.71
N ASP B 153 -4.43 -34.71 24.85
CA ASP B 153 -4.85 -36.08 24.71
C ASP B 153 -4.06 -36.95 25.74
N ILE B 154 -4.49 -36.82 27.00
CA ILE B 154 -3.89 -37.48 28.17
C ILE B 154 -4.96 -38.22 28.99
N LYS B 155 -4.66 -39.45 29.35
CA LYS B 155 -5.56 -40.21 30.18
C LYS B 155 -5.75 -39.48 31.51
N GLY B 156 -6.92 -39.62 32.12
CA GLY B 156 -7.06 -39.35 33.53
C GLY B 156 -7.32 -37.92 33.88
N ILE B 157 -7.52 -37.06 32.89
CA ILE B 157 -7.74 -35.61 33.16
C ILE B 157 -8.91 -35.39 34.12
N ASP B 158 -9.96 -36.21 34.03
CA ASP B 158 -11.10 -35.99 34.91
C ASP B 158 -10.90 -36.60 36.27
N SER B 159 -9.91 -37.46 36.44
CA SER B 159 -9.73 -38.08 37.74
C SER B 159 -9.11 -37.13 38.78
N PHE B 160 -8.59 -35.97 38.35
CA PHE B 160 -7.82 -35.11 39.24
C PHE B 160 -8.61 -34.46 40.37
N LYS B 161 -8.14 -34.58 41.61
CA LYS B 161 -8.93 -34.07 42.75
C LYS B 161 -8.82 -32.56 43.10
N GLY B 162 -7.76 -31.89 42.63
CA GLY B 162 -7.65 -30.44 42.87
C GLY B 162 -8.27 -29.57 41.78
N GLU B 163 -7.89 -28.28 41.77
CA GLU B 163 -8.35 -27.32 40.75
C GLU B 163 -7.63 -27.56 39.40
N SER B 164 -8.37 -27.79 38.31
CA SER B 164 -7.72 -27.83 36.98
C SER B 164 -8.58 -27.22 35.87
N PHE B 165 -7.94 -26.68 34.83
CA PHE B 165 -8.64 -25.90 33.79
C PHE B 165 -7.70 -25.53 32.61
N HIS B 166 -8.31 -25.26 31.46
CA HIS B 166 -7.61 -24.66 30.35
C HIS B 166 -7.35 -23.15 30.60
N SER B 167 -6.29 -22.65 29.98
CA SER B 167 -5.87 -21.26 30.15
C SER B 167 -6.90 -20.35 29.61
N SER B 168 -7.55 -20.78 28.53
CA SER B 168 -8.71 -20.01 28.01
C SER B 168 -9.97 -20.19 28.84
N ARG B 169 -9.91 -20.83 30.01
CA ARG B 169 -11.10 -20.98 30.82
C ARG B 169 -10.74 -20.78 32.29
N TRP B 170 -9.99 -19.73 32.56
CA TRP B 170 -9.60 -19.43 33.92
C TRP B 170 -10.86 -19.27 34.77
N PRO B 171 -10.86 -19.77 36.00
CA PRO B 171 -12.11 -19.71 36.80
C PRO B 171 -12.38 -18.30 37.19
N THR B 172 -13.66 -17.97 37.21
CA THR B 172 -14.13 -16.68 37.74
C THR B 172 -15.17 -16.92 38.79
N ASP B 173 -15.43 -15.90 39.61
CA ASP B 173 -16.69 -15.86 40.38
C ASP B 173 -17.83 -15.15 39.61
N ALA B 174 -18.75 -14.58 40.39
CA ALA B 174 -20.03 -13.98 39.98
C ALA B 174 -19.92 -12.68 39.14
N GLU B 175 -18.75 -12.04 39.14
CA GLU B 175 -18.58 -10.88 38.21
C GLU B 175 -17.43 -11.08 37.25
N GLY B 176 -17.15 -12.36 36.91
CA GLY B 176 -16.01 -12.69 36.02
C GLY B 176 -14.74 -12.07 36.59
N ALA B 177 -14.58 -12.17 37.92
CA ALA B 177 -13.27 -11.91 38.51
C ALA B 177 -12.40 -13.17 38.37
N PRO B 178 -11.13 -12.99 37.98
CA PRO B 178 -10.20 -14.16 37.87
C PRO B 178 -9.76 -14.74 39.24
N LYS B 179 -10.29 -15.94 39.51
CA LYS B 179 -10.20 -16.66 40.78
C LYS B 179 -8.90 -17.53 40.90
N GLY B 180 -8.40 -17.65 42.13
CA GLY B 180 -7.36 -18.64 42.45
C GLY B 180 -6.00 -18.25 41.88
N VAL B 181 -5.78 -16.93 41.82
CA VAL B 181 -4.59 -16.32 41.20
C VAL B 181 -3.45 -16.16 42.19
N ASP B 182 -3.75 -16.44 43.45
CA ASP B 182 -2.77 -16.44 44.51
C ASP B 182 -2.47 -17.88 44.82
N PHE B 183 -1.26 -18.33 44.47
CA PHE B 183 -0.91 -19.74 44.68
C PHE B 183 -0.18 -20.03 46.01
N THR B 184 -0.31 -19.11 46.97
CA THR B 184 0.27 -19.29 48.30
C THR B 184 -0.09 -20.65 48.88
N GLY B 185 0.95 -21.39 49.29
CA GLY B 185 0.79 -22.69 49.89
C GLY B 185 0.48 -23.87 48.97
N LYS B 186 0.26 -23.61 47.67
CA LYS B 186 -0.09 -24.67 46.66
C LYS B 186 1.03 -25.23 45.77
N ARG B 187 0.87 -26.48 45.37
CA ARG B 187 1.79 -27.11 44.45
C ARG B 187 1.20 -27.07 43.02
N VAL B 188 1.90 -26.41 42.10
CA VAL B 188 1.29 -26.04 40.85
C VAL B 188 1.98 -26.69 39.69
N GLY B 189 1.15 -27.21 38.78
CA GLY B 189 1.67 -27.89 37.62
C GLY B 189 1.22 -27.09 36.44
N VAL B 190 2.15 -26.80 35.54
CA VAL B 190 1.78 -26.09 34.30
C VAL B 190 2.14 -26.99 33.12
N ILE B 191 1.16 -27.32 32.27
CA ILE B 191 1.46 -28.12 31.06
C ILE B 191 1.34 -27.23 29.84
N GLY B 192 2.46 -27.01 29.16
CA GLY B 192 2.48 -26.16 27.98
C GLY B 192 3.49 -25.02 28.07
N THR B 193 4.41 -24.96 27.11
CA THR B 193 5.35 -23.84 27.10
C THR B 193 5.21 -23.01 25.80
N GLY B 194 3.98 -22.92 25.27
CA GLY B 194 3.66 -21.93 24.26
C GLY B 194 3.67 -20.56 24.90
N ALA B 195 3.22 -19.57 24.14
CA ALA B 195 3.15 -18.17 24.61
C ALA B 195 2.34 -18.07 25.86
N THR B 196 1.34 -18.96 26.04
CA THR B 196 0.47 -18.89 27.18
C THR B 196 1.16 -19.31 28.47
N GLY B 197 1.75 -20.50 28.48
CA GLY B 197 2.58 -20.96 29.60
C GLY B 197 3.63 -19.90 29.95
N VAL B 198 4.24 -19.35 28.90
CA VAL B 198 5.32 -18.41 29.04
C VAL B 198 4.92 -17.15 29.75
N GLN B 199 3.66 -16.74 29.60
CA GLN B 199 3.17 -15.59 30.34
C GLN B 199 2.78 -15.93 31.77
N ILE B 200 2.20 -17.13 31.94
CA ILE B 200 1.68 -17.59 33.23
C ILE B 200 2.80 -17.95 34.20
N ILE B 201 3.83 -18.61 33.70
CA ILE B 201 4.83 -19.27 34.54
C ILE B 201 5.57 -18.32 35.46
N PRO B 202 6.10 -17.17 34.97
CA PRO B 202 6.82 -16.27 35.89
C PRO B 202 5.98 -15.71 37.01
N ILE B 203 4.68 -15.54 36.76
CA ILE B 203 3.70 -15.04 37.73
C ILE B 203 3.24 -16.11 38.75
N ALA B 204 2.91 -17.31 38.29
CA ALA B 204 2.54 -18.29 39.30
C ALA B 204 3.72 -18.55 40.23
N ALA B 205 4.96 -18.46 39.75
CA ALA B 205 6.11 -18.67 40.64
C ALA B 205 6.30 -17.61 41.74
N GLU B 206 5.80 -16.40 41.54
CA GLU B 206 5.83 -15.39 42.65
C GLU B 206 5.18 -15.91 43.97
N THR B 207 4.21 -16.83 43.88
CA THR B 207 3.47 -17.28 45.08
C THR B 207 3.28 -18.78 45.31
N ALA B 208 3.52 -19.58 44.26
CA ALA B 208 3.35 -21.01 44.35
C ALA B 208 4.30 -21.53 45.42
N LYS B 209 3.86 -22.57 46.14
CA LYS B 209 4.72 -23.20 47.09
C LYS B 209 5.75 -23.94 46.28
N GLU B 210 5.26 -24.65 45.26
CA GLU B 210 6.13 -25.27 44.30
C GLU B 210 5.48 -25.13 42.93
N LEU B 211 6.30 -24.89 41.91
CA LEU B 211 5.87 -24.93 40.50
C LEU B 211 6.72 -25.89 39.63
N TYR B 212 5.99 -26.79 38.97
CA TYR B 212 6.54 -27.76 38.06
C TYR B 212 6.08 -27.39 36.65
N VAL B 213 7.01 -27.19 35.74
CA VAL B 213 6.63 -26.83 34.41
C VAL B 213 6.86 -28.09 33.62
N PHE B 214 5.78 -28.56 32.99
CA PHE B 214 5.86 -29.77 32.26
C PHE B 214 6.03 -29.42 30.80
N GLN B 215 7.26 -29.52 30.34
CA GLN B 215 7.58 -29.06 29.01
C GLN B 215 7.94 -30.18 28.00
N ARG B 216 7.20 -30.28 26.90
CA ARG B 216 7.58 -31.26 25.88
C ARG B 216 8.46 -30.66 24.84
N THR B 217 8.27 -29.39 24.55
CA THR B 217 9.03 -28.71 23.51
C THR B 217 9.32 -27.29 23.90
N PRO B 218 10.60 -26.94 24.05
CA PRO B 218 10.87 -25.55 24.39
C PRO B 218 10.84 -24.70 23.12
N ASN B 219 10.34 -23.46 23.29
CA ASN B 219 10.16 -22.47 22.23
C ASN B 219 11.26 -21.46 22.30
N TRP B 220 11.51 -20.73 21.21
CA TRP B 220 12.48 -19.66 21.28
C TRP B 220 11.71 -18.54 21.88
N CYS B 221 12.15 -18.02 23.03
CA CYS B 221 11.46 -16.92 23.73
C CYS B 221 12.34 -15.70 23.89
N THR B 222 11.81 -14.51 23.65
CA THR B 222 12.64 -13.31 23.80
C THR B 222 11.93 -12.29 24.67
N PRO B 223 12.67 -11.32 25.26
CA PRO B 223 12.11 -10.33 26.19
C PRO B 223 11.12 -9.40 25.55
N LEU B 224 9.98 -9.26 26.17
CA LEU B 224 8.97 -8.31 25.74
C LEU B 224 9.45 -6.87 25.87
N GLY B 225 10.12 -6.54 26.99
CA GLY B 225 10.57 -5.16 27.28
C GLY B 225 9.41 -4.19 27.55
N ASN B 226 8.33 -4.69 28.14
CA ASN B 226 7.17 -3.84 28.45
C ASN B 226 7.44 -2.72 29.49
N SER B 227 6.71 -1.60 29.36
CA SER B 227 6.85 -0.46 30.26
C SER B 227 5.57 0.37 30.22
N PRO B 228 5.37 1.27 31.19
CA PRO B 228 4.15 2.09 31.18
C PRO B 228 4.26 3.18 30.15
N MET B 229 3.15 3.61 29.59
CA MET B 229 3.07 4.64 28.58
C MET B 229 2.73 5.93 29.29
N SER B 230 3.66 6.89 29.36
CA SER B 230 3.33 8.23 29.83
C SER B 230 2.30 8.94 28.96
N LYS B 231 1.62 9.89 29.55
CA LYS B 231 0.64 10.67 28.78
C LYS B 231 1.29 11.47 27.61
N GLU B 232 2.55 11.88 27.73
CA GLU B 232 3.18 12.61 26.64
C GLU B 232 3.54 11.64 25.49
N LYS B 233 3.97 10.43 25.83
CA LYS B 233 4.18 9.50 24.77
C LYS B 233 2.82 9.28 24.10
N MET B 234 1.74 9.12 24.89
CA MET B 234 0.40 8.78 24.36
C MET B 234 -0.06 9.83 23.39
N ASP B 235 0.04 11.09 23.81
CA ASP B 235 -0.23 12.23 22.96
C ASP B 235 0.69 12.33 21.70
N SER B 236 1.99 12.19 21.84
CA SER B 236 2.78 12.24 20.62
C SER B 236 2.41 11.08 19.67
N LEU B 237 2.13 9.89 20.21
CA LEU B 237 1.48 8.80 19.39
C LEU B 237 0.20 9.15 18.65
N ARG B 238 -0.80 9.68 19.39
CA ARG B 238 -2.12 10.06 18.84
C ARG B 238 -1.99 11.08 17.70
N ASN B 239 -1.07 12.03 17.91
CA ASN B 239 -0.64 12.99 16.89
C ASN B 239 -0.13 12.32 15.63
N ARG B 240 0.54 11.20 15.80
CA ARG B 240 1.21 10.55 14.69
C ARG B 240 0.37 9.43 14.06
N TYR B 241 -0.90 9.32 14.44
CA TYR B 241 -1.72 8.16 14.04
C TYR B 241 -1.76 8.02 12.50
N PRO B 242 -2.01 9.12 11.75
CA PRO B 242 -2.06 8.89 10.30
C PRO B 242 -0.75 8.28 9.74
N THR B 243 0.40 8.80 10.14
CA THR B 243 1.65 8.19 9.76
C THR B 243 1.70 6.72 10.20
N ILE B 244 1.36 6.45 11.46
CA ILE B 244 1.50 5.11 12.02
C ILE B 244 0.65 4.09 11.26
N LEU B 245 -0.61 4.44 11.08
CA LEU B 245 -1.53 3.69 10.23
C LEU B 245 -0.97 3.41 8.85
N GLU B 246 -0.46 4.41 8.15
CA GLU B 246 0.13 4.22 6.83
C GLU B 246 1.34 3.30 6.91
N TYR B 247 2.16 3.47 7.95
CA TYR B 247 3.33 2.61 8.09
C TYR B 247 2.93 1.17 8.38
N VAL B 248 1.95 0.97 9.28
CA VAL B 248 1.50 -0.41 9.56
C VAL B 248 0.91 -1.16 8.37
N LYS B 249 0.11 -0.43 7.58
CA LYS B 249 -0.35 -0.90 6.26
C LYS B 249 0.77 -1.20 5.23
N SER B 250 1.99 -0.75 5.48
CA SER B 250 3.07 -1.08 4.52
C SER B 250 4.06 -2.20 4.95
N THR B 251 4.03 -2.63 6.18
CA THR B 251 4.87 -3.74 6.60
C THR B 251 4.25 -5.10 6.27
N ASP B 252 5.12 -6.10 6.17
CA ASP B 252 4.70 -7.49 5.93
C ASP B 252 3.63 -8.07 6.90
N THR B 253 3.70 -7.72 8.17
CA THR B 253 2.85 -8.36 9.14
C THR B 253 1.89 -7.32 9.75
N ALA B 254 2.06 -6.05 9.38
CA ALA B 254 1.29 -4.95 10.00
C ALA B 254 1.72 -4.68 11.44
N PHE B 255 2.71 -5.43 11.96
CA PHE B 255 3.48 -5.01 13.14
C PHE B 255 4.37 -3.79 12.77
N PRO B 256 4.63 -2.89 13.74
CA PRO B 256 5.40 -1.71 13.31
C PRO B 256 6.86 -2.05 13.15
N TYR B 257 7.17 -3.03 12.33
CA TYR B 257 8.52 -3.42 12.03
C TYR B 257 8.74 -3.77 10.54
N HIS B 258 9.97 -3.67 10.04
CA HIS B 258 10.28 -4.16 8.68
C HIS B 258 11.69 -4.74 8.64
N ARG B 259 11.99 -5.61 7.68
CA ARG B 259 13.35 -6.17 7.60
C ARG B 259 14.44 -5.20 7.24
N ASP B 260 15.58 -5.35 7.93
CA ASP B 260 16.84 -4.77 7.49
C ASP B 260 17.05 -5.14 6.01
N PRO B 261 17.64 -4.23 5.22
CA PRO B 261 17.81 -4.55 3.78
C PRO B 261 18.83 -5.63 3.51
N ARG B 262 19.77 -5.83 4.42
CA ARG B 262 20.90 -6.72 4.23
C ARG B 262 20.61 -8.20 4.60
N LYS B 263 21.31 -9.12 3.95
CA LYS B 263 21.22 -10.50 4.32
C LYS B 263 22.11 -10.62 5.54
N GLY B 264 21.85 -11.66 6.34
CA GLY B 264 22.70 -12.09 7.42
C GLY B 264 24.16 -12.22 7.03
N THR B 265 24.47 -12.88 5.92
CA THR B 265 25.90 -12.98 5.49
C THR B 265 26.54 -11.70 4.87
N ASP B 266 25.74 -10.68 4.52
CA ASP B 266 26.37 -9.38 4.15
C ASP B 266 27.09 -8.78 5.38
N VAL B 267 27.18 -9.52 6.47
CA VAL B 267 27.60 -8.89 7.74
C VAL B 267 28.65 -9.70 8.52
N SER B 268 29.68 -8.99 8.98
CA SER B 268 30.75 -9.61 9.81
C SER B 268 30.19 -10.08 11.14
N GLU B 269 30.78 -11.14 11.69
CA GLU B 269 30.34 -11.68 12.95
C GLU B 269 30.25 -10.64 14.06
N SER B 270 31.22 -9.73 14.18
CA SER B 270 31.15 -8.75 15.25
C SER B 270 30.11 -7.68 14.96
N GLU B 271 29.81 -7.42 13.68
CA GLU B 271 28.69 -6.49 13.33
C GLU B 271 27.33 -7.14 13.65
N ARG B 272 27.21 -8.46 13.40
CA ARG B 272 25.97 -9.19 13.72
C ARG B 272 25.69 -9.25 15.20
N ASP B 273 26.65 -9.77 15.97
CA ASP B 273 26.56 -9.81 17.44
C ASP B 273 25.97 -8.52 18.12
N ALA B 274 26.48 -7.35 17.67
CA ALA B 274 26.13 -6.00 18.11
C ALA B 274 24.75 -5.62 17.70
N PHE B 275 24.43 -5.95 16.42
CA PHE B 275 23.08 -5.82 15.86
C PHE B 275 22.06 -6.60 16.71
N PHE B 276 22.32 -7.89 16.89
CA PHE B 276 21.45 -8.75 17.75
C PHE B 276 21.38 -8.30 19.17
N GLU B 277 22.52 -7.90 19.75
CA GLU B 277 22.53 -7.39 21.11
C GLU B 277 21.52 -6.25 21.27
N GLU B 278 21.50 -5.37 20.26
CA GLU B 278 20.71 -4.17 20.31
C GLU B 278 19.19 -4.48 20.12
N LEU B 279 18.87 -5.29 19.09
CA LEU B 279 17.50 -5.82 18.91
C LEU B 279 16.96 -6.54 20.14
N TYR B 280 17.78 -7.47 20.66
CA TYR B 280 17.41 -8.24 21.85
C TYR B 280 16.99 -7.33 22.99
N ARG B 281 17.62 -6.17 23.13
CA ARG B 281 17.33 -5.30 24.25
C ARG B 281 16.19 -4.33 23.99
N GLN B 282 15.70 -4.36 22.76
CA GLN B 282 14.63 -3.48 22.32
C GLN B 282 13.28 -4.10 22.64
N PRO B 283 12.35 -3.32 23.14
CA PRO B 283 10.98 -3.81 23.35
C PRO B 283 10.30 -4.33 22.08
N GLY B 284 9.55 -5.41 22.19
CA GLY B 284 8.66 -5.85 21.10
C GLY B 284 9.38 -6.76 20.14
N TYR B 285 8.82 -6.90 18.93
CA TYR B 285 9.19 -7.99 18.05
C TYR B 285 10.30 -7.71 17.05
N GLY B 286 10.96 -6.57 17.18
CA GLY B 286 12.06 -6.26 16.34
C GLY B 286 13.00 -7.44 16.11
N ILE B 287 13.32 -8.23 17.15
CA ILE B 287 14.31 -9.34 17.05
C ILE B 287 13.86 -10.39 16.01
N TRP B 288 12.55 -10.49 15.85
CA TRP B 288 11.94 -11.47 14.98
C TRP B 288 11.48 -10.89 13.64
N LEU B 289 10.93 -9.67 13.69
CA LEU B 289 10.39 -8.99 12.52
C LEU B 289 11.34 -8.00 11.82
N SER B 290 12.33 -7.43 12.52
CA SER B 290 13.38 -6.61 11.84
C SER B 290 14.74 -7.27 11.71
N GLY B 291 14.78 -8.55 11.50
CA GLY B 291 16.13 -9.11 11.32
C GLY B 291 16.78 -8.73 9.99
N PHE B 292 17.70 -9.59 9.58
CA PHE B 292 18.15 -9.55 8.22
C PHE B 292 17.06 -10.12 7.32
N ARG B 293 17.05 -9.77 6.04
CA ARG B 293 15.87 -10.02 5.26
C ARG B 293 15.64 -11.50 5.07
N ASP B 294 16.67 -12.28 5.38
CA ASP B 294 16.78 -13.69 5.03
C ASP B 294 16.80 -14.58 6.27
N LEU B 295 16.23 -14.09 7.35
CA LEU B 295 16.33 -14.74 8.65
C LEU B 295 15.49 -16.00 8.53
N LEU B 296 14.45 -15.92 7.73
CA LEU B 296 13.50 -16.99 7.59
C LEU B 296 13.60 -17.71 6.26
N LEU B 297 14.66 -17.46 5.47
CA LEU B 297 14.76 -18.04 4.14
C LEU B 297 16.03 -18.87 4.02
N ASN B 298 16.96 -18.60 4.93
CA ASN B 298 18.31 -19.03 4.74
C ASN B 298 18.75 -19.60 6.07
N LYS B 299 19.09 -20.89 6.12
CA LYS B 299 19.34 -21.57 7.38
C LYS B 299 20.57 -21.00 8.09
N GLU B 300 21.54 -20.58 7.28
CA GLU B 300 22.83 -20.16 7.80
C GLU B 300 22.69 -18.82 8.52
N SER B 301 21.96 -17.91 7.89
CA SER B 301 21.52 -16.67 8.47
C SER B 301 20.67 -16.87 9.70
N ASN B 302 19.76 -17.84 9.64
CA ASN B 302 18.92 -18.18 10.81
C ASN B 302 19.73 -18.66 12.05
N LYS B 303 20.74 -19.51 11.79
CA LYS B 303 21.55 -20.10 12.86
C LYS B 303 22.31 -19.03 13.65
N PHE B 304 22.79 -18.01 12.96
CA PHE B 304 23.39 -16.85 13.56
C PHE B 304 22.55 -16.27 14.69
N LEU B 305 21.26 -16.08 14.47
CA LEU B 305 20.42 -15.50 15.55
C LEU B 305 20.08 -16.56 16.61
N ALA B 306 19.82 -17.77 16.15
CA ALA B 306 19.43 -18.83 17.00
C ALA B 306 20.55 -19.02 17.95
N ASP B 307 21.79 -19.02 17.45
CA ASP B 307 22.96 -19.22 18.32
C ASP B 307 23.05 -18.07 19.31
N PHE B 308 22.74 -16.87 18.88
CA PHE B 308 22.76 -15.72 19.79
C PHE B 308 21.65 -15.76 20.86
N VAL B 309 20.41 -16.14 20.51
CA VAL B 309 19.37 -16.22 21.53
C VAL B 309 19.71 -17.31 22.55
N ALA B 310 20.44 -18.33 22.11
CA ALA B 310 20.85 -19.43 22.92
C ALA B 310 21.92 -19.00 23.91
N LYS B 311 22.87 -18.22 23.43
CA LYS B 311 23.83 -17.59 24.29
C LYS B 311 23.08 -16.71 25.30
N LYS B 312 22.01 -16.00 24.94
CA LYS B 312 21.31 -15.19 25.98
C LYS B 312 20.63 -16.03 27.09
N ILE B 313 20.03 -17.16 26.69
CA ILE B 313 19.41 -18.13 27.59
C ILE B 313 20.39 -18.65 28.64
N ARG B 314 21.58 -19.05 28.20
CA ARG B 314 22.68 -19.49 29.07
C ARG B 314 23.12 -18.40 30.07
N GLN B 315 23.13 -17.15 29.65
CA GLN B 315 23.44 -16.04 30.54
C GLN B 315 22.36 -15.86 31.62
N ARG B 316 21.09 -15.97 31.21
CA ARG B 316 19.96 -15.75 32.12
C ARG B 316 19.66 -16.91 33.06
N VAL B 317 20.09 -18.13 32.70
CA VAL B 317 19.76 -19.29 33.51
C VAL B 317 21.01 -19.74 34.21
N LYS B 318 20.98 -19.83 35.52
CA LYS B 318 22.17 -20.01 36.27
C LYS B 318 22.77 -21.40 36.06
N ASP B 319 21.93 -22.42 36.06
CA ASP B 319 22.34 -23.83 35.98
C ASP B 319 22.45 -24.22 34.50
N PRO B 320 23.63 -24.71 34.06
CA PRO B 320 23.78 -25.02 32.61
C PRO B 320 22.93 -26.20 32.12
N VAL B 321 22.70 -27.17 32.99
CA VAL B 321 21.80 -28.28 32.64
C VAL B 321 20.35 -27.85 32.33
N VAL B 322 19.81 -27.00 33.18
CA VAL B 322 18.48 -26.52 32.99
C VAL B 322 18.49 -25.64 31.77
N ALA B 323 19.52 -24.81 31.66
CA ALA B 323 19.60 -23.87 30.57
C ALA B 323 19.46 -24.57 29.21
N GLU B 324 20.17 -25.70 29.07
CA GLU B 324 20.32 -26.36 27.81
C GLU B 324 18.99 -26.98 27.42
N LYS B 325 18.27 -27.41 28.43
CA LYS B 325 16.97 -27.98 28.27
C LYS B 325 15.92 -26.96 27.76
N LEU B 326 16.23 -25.68 27.88
CA LEU B 326 15.30 -24.65 27.48
C LEU B 326 15.60 -24.13 26.08
N ILE B 327 16.62 -24.69 25.44
CA ILE B 327 17.05 -24.15 24.16
C ILE B 327 16.66 -25.08 23.03
N PRO B 328 15.78 -24.62 22.13
CA PRO B 328 15.32 -25.50 21.04
C PRO B 328 16.50 -26.03 20.21
N LYS B 329 16.44 -27.31 19.87
CA LYS B 329 17.48 -27.94 19.14
C LYS B 329 16.90 -28.50 17.85
N ASP B 330 15.57 -28.34 17.67
CA ASP B 330 14.81 -29.02 16.61
C ASP B 330 14.09 -28.11 15.62
N HIS B 331 14.08 -26.82 15.87
CA HIS B 331 13.43 -25.91 14.95
C HIS B 331 14.17 -24.58 14.91
N PRO B 332 14.26 -23.95 13.71
CA PRO B 332 14.94 -22.66 13.60
C PRO B 332 14.16 -21.57 14.32
N PHE B 333 14.88 -20.55 14.77
CA PHE B 333 14.30 -19.37 15.39
C PHE B 333 13.33 -18.75 14.40
N GLY B 334 12.11 -18.41 14.84
CA GLY B 334 11.18 -17.69 13.99
C GLY B 334 10.21 -18.57 13.26
N ALA B 335 10.41 -19.87 13.44
CA ALA B 335 9.72 -20.86 12.70
C ALA B 335 8.38 -21.16 13.33
N LYS B 336 8.31 -21.06 14.66
CA LYS B 336 7.00 -20.93 15.36
C LYS B 336 6.84 -19.51 15.82
N ARG B 337 5.66 -19.18 16.37
CA ARG B 337 5.39 -17.85 16.95
C ARG B 337 6.38 -17.73 18.08
N VAL B 338 7.13 -16.64 18.07
CA VAL B 338 8.12 -16.34 19.11
C VAL B 338 7.40 -15.85 20.38
N PRO B 339 7.50 -16.59 21.46
CA PRO B 339 6.86 -16.07 22.61
C PRO B 339 7.65 -14.93 23.23
N MET B 340 6.97 -13.86 23.58
CA MET B 340 7.63 -12.79 24.23
C MET B 340 7.31 -12.78 25.72
N GLU B 341 8.35 -12.56 26.51
CA GLU B 341 8.31 -12.83 27.94
C GLU B 341 8.82 -11.70 28.82
N THR B 342 8.37 -11.68 30.08
CA THR B 342 8.78 -10.78 31.10
C THR B 342 9.38 -11.67 32.19
N ASN B 343 10.72 -11.73 32.25
CA ASN B 343 11.49 -12.52 33.26
C ASN B 343 11.12 -13.99 33.29
N TYR B 344 10.84 -14.53 32.11
CA TYR B 344 10.53 -15.93 31.99
C TYR B 344 11.70 -16.81 32.38
N TYR B 345 12.83 -16.65 31.73
CA TYR B 345 14.01 -17.47 32.01
C TYR B 345 14.53 -17.44 33.46
N GLU B 346 14.36 -16.30 34.14
CA GLU B 346 14.87 -16.11 35.50
C GLU B 346 14.01 -16.84 36.57
N THR B 347 12.78 -17.23 36.22
CA THR B 347 11.93 -18.01 37.08
C THR B 347 12.61 -19.34 37.44
N TYR B 348 13.29 -19.95 36.48
CA TYR B 348 13.91 -21.25 36.71
C TYR B 348 15.08 -21.20 37.70
N ASN B 349 15.60 -20.02 37.94
CA ASN B 349 16.59 -19.86 38.95
C ASN B 349 16.05 -20.01 40.38
N ARG B 350 14.74 -19.75 40.60
CA ARG B 350 14.09 -19.95 41.88
C ARG B 350 14.13 -21.41 42.35
N ASP B 351 14.44 -21.58 43.65
CA ASP B 351 14.38 -22.85 44.38
C ASP B 351 13.05 -23.61 44.23
N ASN B 352 11.90 -22.91 44.20
CA ASN B 352 10.61 -23.60 44.18
C ASN B 352 10.06 -23.83 42.75
N VAL B 353 10.94 -23.78 41.76
CA VAL B 353 10.54 -23.99 40.35
C VAL B 353 11.33 -25.16 39.78
N HIS B 354 10.62 -26.08 39.11
CA HIS B 354 11.20 -27.30 38.55
C HIS B 354 10.77 -27.51 37.11
N LEU B 355 11.76 -27.73 36.25
CA LEU B 355 11.55 -28.01 34.86
C LEU B 355 11.52 -29.53 34.65
N VAL B 356 10.37 -30.03 34.19
CA VAL B 356 10.18 -31.48 34.08
C VAL B 356 10.10 -31.76 32.59
N ASP B 357 11.06 -32.53 32.10
CA ASP B 357 11.14 -32.75 30.66
C ASP B 357 10.21 -33.88 30.31
N ILE B 358 9.15 -33.63 29.58
CA ILE B 358 8.23 -34.73 29.23
C ILE B 358 8.42 -35.32 27.82
N ARG B 359 9.36 -34.83 27.06
CA ARG B 359 9.64 -35.53 25.83
C ARG B 359 10.32 -36.83 26.23
N GLU B 360 11.23 -36.73 27.20
CA GLU B 360 12.06 -37.85 27.60
C GLU B 360 11.38 -38.70 28.71
N ALA B 361 10.50 -38.08 29.51
CA ALA B 361 9.56 -38.84 30.39
C ALA B 361 8.12 -38.43 30.20
N PRO B 362 7.45 -39.02 29.21
CA PRO B 362 6.13 -38.60 28.84
C PRO B 362 5.13 -38.73 29.97
N ILE B 363 4.21 -37.80 30.07
CA ILE B 363 3.11 -37.99 30.97
C ILE B 363 2.42 -39.35 30.76
N GLN B 364 2.31 -40.18 31.78
CA GLN B 364 1.57 -41.42 31.60
C GLN B 364 0.10 -41.17 31.81
N GLU B 365 -0.25 -40.40 32.84
CA GLU B 365 -1.64 -39.96 33.01
C GLU B 365 -1.75 -38.91 34.10
N VAL B 366 -2.89 -38.22 34.15
CA VAL B 366 -3.26 -37.43 35.32
C VAL B 366 -4.00 -38.36 36.29
N THR B 367 -3.56 -38.36 37.55
CA THR B 367 -4.15 -39.22 38.58
C THR B 367 -4.88 -38.35 39.60
N PRO B 368 -5.60 -38.95 40.57
CA PRO B 368 -6.38 -38.02 41.36
C PRO B 368 -5.53 -37.13 42.22
N GLU B 369 -4.23 -37.45 42.31
CA GLU B 369 -3.29 -36.68 43.12
C GLU B 369 -2.46 -35.69 42.37
N GLY B 370 -2.25 -35.94 41.07
CA GLY B 370 -1.17 -35.24 40.39
C GLY B 370 -0.86 -35.76 39.02
N ILE B 371 0.43 -35.84 38.70
CA ILE B 371 0.82 -36.22 37.35
C ILE B 371 1.86 -37.32 37.49
N LYS B 372 1.56 -38.43 36.82
CA LYS B 372 2.43 -39.59 36.82
C LYS B 372 3.19 -39.44 35.51
N THR B 373 4.49 -39.67 35.52
CA THR B 373 5.24 -39.67 34.29
C THR B 373 6.03 -40.96 34.26
N ALA B 374 6.74 -41.16 33.15
CA ALA B 374 7.45 -42.42 32.98
C ALA B 374 8.48 -42.54 34.11
N ASP B 375 8.98 -41.43 34.61
CA ASP B 375 9.96 -41.47 35.72
C ASP B 375 9.49 -41.18 37.16
N ALA B 376 8.40 -40.40 37.36
CA ALA B 376 7.99 -39.96 38.71
C ALA B 376 6.50 -39.66 38.90
N ALA B 377 6.06 -39.62 40.15
CA ALA B 377 4.72 -39.10 40.55
C ALA B 377 4.82 -37.71 41.24
N TYR B 378 4.08 -36.73 40.73
CA TYR B 378 4.18 -35.39 41.23
C TYR B 378 2.84 -35.07 41.87
N ASP B 379 2.79 -34.90 43.18
CA ASP B 379 1.58 -34.48 43.86
C ASP B 379 1.32 -33.00 43.62
N LEU B 380 0.12 -32.67 43.15
CA LEU B 380 -0.20 -31.31 42.76
C LEU B 380 -1.55 -30.86 43.34
N ASP B 381 -1.67 -29.62 43.75
CA ASP B 381 -2.99 -29.12 44.14
C ASP B 381 -3.71 -28.38 42.94
N VAL B 382 -2.94 -27.89 41.95
CA VAL B 382 -3.46 -27.17 40.80
C VAL B 382 -2.78 -27.66 39.53
N ILE B 383 -3.54 -27.87 38.46
CA ILE B 383 -2.96 -28.17 37.14
C ILE B 383 -3.48 -27.23 36.05
N ILE B 384 -2.59 -26.50 35.39
CA ILE B 384 -3.01 -25.52 34.39
C ILE B 384 -2.70 -26.07 33.03
N TYR B 385 -3.74 -26.27 32.21
CA TYR B 385 -3.54 -26.75 30.82
C TYR B 385 -3.31 -25.63 29.84
N ALA B 386 -2.06 -25.32 29.58
CA ALA B 386 -1.72 -24.26 28.59
C ALA B 386 -1.41 -24.92 27.25
N THR B 387 -2.40 -25.67 26.78
CA THR B 387 -2.20 -26.56 25.68
C THR B 387 -2.61 -26.04 24.34
N GLY B 388 -2.83 -24.74 24.24
CA GLY B 388 -3.10 -24.20 22.90
C GLY B 388 -4.53 -24.39 22.40
N PHE B 389 -4.63 -24.52 21.08
CA PHE B 389 -5.87 -24.39 20.32
C PHE B 389 -5.82 -25.25 19.13
N ASP B 390 -7.00 -25.69 18.73
CA ASP B 390 -7.23 -26.21 17.39
C ASP B 390 -7.07 -25.06 16.43
N ALA B 391 -5.86 -24.77 15.98
CA ALA B 391 -5.65 -23.46 15.37
C ALA B 391 -6.22 -23.29 13.94
N VAL B 392 -6.75 -22.08 13.69
CA VAL B 392 -7.15 -21.54 12.35
C VAL B 392 -8.46 -22.08 11.81
N THR B 393 -8.61 -23.41 11.66
CA THR B 393 -9.89 -23.99 11.17
C THR B 393 -10.75 -24.57 12.32
N GLY B 394 -10.14 -24.69 13.51
CA GLY B 394 -10.80 -25.22 14.68
C GLY B 394 -12.22 -24.76 14.95
N SER B 395 -12.46 -23.46 14.93
CA SER B 395 -13.78 -23.04 15.38
C SER B 395 -14.81 -23.15 14.25
N LEU B 396 -14.35 -23.34 13.02
CA LEU B 396 -15.24 -23.66 11.91
C LEU B 396 -15.58 -25.15 11.95
N ASP B 397 -14.58 -26.02 12.11
CA ASP B 397 -14.84 -27.45 12.31
C ASP B 397 -15.86 -27.81 13.37
N ARG B 398 -16.25 -26.90 14.25
CA ARG B 398 -17.17 -27.23 15.34
C ARG B 398 -18.60 -26.76 15.04
N ILE B 399 -18.79 -26.23 13.84
CA ILE B 399 -20.08 -25.92 13.28
C ILE B 399 -20.37 -26.90 12.19
N ASP B 400 -21.59 -27.41 12.19
CA ASP B 400 -21.97 -28.27 11.10
C ASP B 400 -22.32 -27.50 9.79
N ILE B 401 -21.31 -27.23 8.97
CA ILE B 401 -21.47 -26.42 7.78
C ILE B 401 -21.56 -27.27 6.54
N ARG B 402 -22.60 -27.01 5.78
CA ARG B 402 -22.99 -27.79 4.61
C ARG B 402 -23.31 -26.80 3.48
N GLY B 403 -22.69 -26.99 2.32
CA GLY B 403 -22.92 -26.12 1.14
C GLY B 403 -23.74 -26.82 0.06
N LYS B 404 -23.43 -26.62 -1.22
CA LYS B 404 -24.16 -27.30 -2.32
C LYS B 404 -24.10 -28.81 -2.16
N ASP B 405 -25.07 -29.53 -2.72
CA ASP B 405 -25.16 -30.98 -2.64
C ASP B 405 -24.89 -31.46 -1.20
N ASN B 406 -25.27 -30.67 -0.21
CA ASN B 406 -25.12 -31.10 1.17
C ASN B 406 -23.67 -31.55 1.58
N VAL B 407 -22.67 -31.07 0.84
CA VAL B 407 -21.23 -31.30 1.20
C VAL B 407 -20.79 -30.56 2.47
N ARG B 408 -19.98 -31.25 3.26
CA ARG B 408 -19.42 -30.75 4.54
C ARG B 408 -18.14 -29.95 4.31
N LEU B 409 -18.02 -28.85 5.02
CA LEU B 409 -16.86 -27.99 4.94
C LEU B 409 -15.63 -28.76 5.44
N ILE B 410 -15.87 -29.53 6.50
CA ILE B 410 -14.90 -30.44 7.06
C ILE B 410 -14.36 -31.45 6.03
N ASP B 411 -15.20 -31.87 5.08
CA ASP B 411 -14.80 -32.91 4.12
C ASP B 411 -14.07 -32.29 2.92
N ALA B 412 -14.60 -31.15 2.50
CA ALA B 412 -14.00 -30.38 1.40
C ALA B 412 -12.61 -29.95 1.79
N TRP B 413 -12.40 -29.80 3.10
CA TRP B 413 -11.11 -29.44 3.66
C TRP B 413 -10.34 -30.58 4.31
N ALA B 414 -10.58 -31.81 3.89
CA ALA B 414 -9.97 -32.94 4.59
C ALA B 414 -8.51 -33.09 4.19
N GLU B 415 -8.18 -32.82 2.91
CA GLU B 415 -6.77 -32.78 2.42
C GLU B 415 -6.12 -31.38 2.67
N GLY B 416 -6.69 -30.63 3.62
CA GLY B 416 -6.28 -29.27 3.86
C GLY B 416 -7.21 -28.25 3.28
N PRO B 417 -7.00 -26.97 3.63
CA PRO B 417 -7.99 -25.97 3.22
C PRO B 417 -7.91 -25.71 1.73
N SER B 418 -9.05 -25.36 1.18
CA SER B 418 -9.11 -25.06 -0.23
C SER B 418 -9.98 -23.82 -0.33
N THR B 419 -9.43 -22.71 -0.79
CA THR B 419 -10.12 -21.41 -0.81
C THR B 419 -9.72 -20.64 -2.05
N TYR B 420 -10.37 -19.51 -2.25
CA TYR B 420 -9.92 -18.47 -3.16
C TYR B 420 -9.68 -17.26 -2.26
N LEU B 421 -8.41 -16.84 -2.16
CA LEU B 421 -8.01 -15.66 -1.36
C LEU B 421 -8.19 -15.93 0.16
N GLY B 422 -8.46 -17.16 0.49
CA GLY B 422 -8.68 -17.52 1.89
C GLY B 422 -9.97 -16.97 2.43
N LEU B 423 -10.89 -16.62 1.55
CA LEU B 423 -12.11 -15.92 1.95
C LEU B 423 -13.42 -16.68 1.63
N GLN B 424 -13.37 -17.49 0.57
CA GLN B 424 -14.49 -18.27 0.16
C GLN B 424 -13.90 -19.53 -0.30
N ALA B 425 -14.68 -20.60 -0.16
CA ALA B 425 -14.30 -21.92 -0.67
C ALA B 425 -15.37 -22.40 -1.65
N ARG B 426 -14.93 -22.97 -2.75
CA ARG B 426 -15.86 -23.47 -3.72
C ARG B 426 -16.76 -24.54 -3.07
N GLY B 427 -18.04 -24.53 -3.47
CA GLY B 427 -19.05 -25.42 -2.87
C GLY B 427 -19.83 -24.67 -1.79
N PHE B 428 -19.36 -23.48 -1.40
CA PHE B 428 -19.99 -22.75 -0.29
C PHE B 428 -20.26 -21.33 -0.64
N PRO B 429 -21.22 -21.09 -1.54
CA PRO B 429 -21.52 -19.76 -2.06
C PRO B 429 -21.83 -18.78 -0.95
N ASN B 430 -21.43 -17.52 -1.12
CA ASN B 430 -21.88 -16.48 -0.22
C ASN B 430 -21.38 -16.65 1.21
N PHE B 431 -20.29 -17.37 1.40
CA PHE B 431 -19.80 -17.64 2.75
C PHE B 431 -18.39 -17.08 2.90
N PHE B 432 -18.16 -16.17 3.83
CA PHE B 432 -16.84 -15.55 4.00
C PHE B 432 -16.20 -15.97 5.31
N THR B 433 -14.92 -16.27 5.25
CA THR B 433 -14.19 -16.75 6.39
C THR B 433 -13.09 -15.75 6.70
N LEU B 434 -13.45 -14.80 7.58
CA LEU B 434 -12.53 -13.72 7.96
C LEU B 434 -11.38 -14.23 8.82
N VAL B 435 -10.19 -13.75 8.54
CA VAL B 435 -8.98 -14.12 9.25
C VAL B 435 -8.86 -15.64 9.36
N GLY B 436 -9.11 -16.29 8.24
CA GLY B 436 -9.14 -17.74 8.26
C GLY B 436 -7.91 -18.45 7.69
N PRO B 437 -8.16 -19.60 7.07
CA PRO B 437 -7.16 -20.47 6.44
C PRO B 437 -6.79 -19.94 5.08
N HIS B 438 -5.47 -19.92 4.83
CA HIS B 438 -4.90 -19.58 3.53
C HIS B 438 -5.25 -18.16 3.19
N ASN B 439 -5.35 -17.35 4.23
CA ASN B 439 -5.81 -15.99 4.25
C ASN B 439 -4.65 -15.04 4.67
N GLY B 440 -4.27 -14.09 3.81
CA GLY B 440 -3.17 -13.14 4.09
C GLY B 440 -3.41 -12.15 5.23
N SER B 441 -4.50 -12.38 5.97
CA SER B 441 -4.93 -11.57 7.10
C SER B 441 -4.65 -12.26 8.44
N THR B 442 -4.28 -13.54 8.39
CA THR B 442 -4.10 -14.33 9.60
C THR B 442 -2.72 -14.27 10.24
N PHE B 443 -1.69 -14.10 9.41
CA PHE B 443 -0.30 -14.10 9.88
C PHE B 443 0.13 -12.68 10.29
N CYS B 444 -0.76 -11.98 10.98
CA CYS B 444 -0.78 -10.54 10.96
C CYS B 444 -0.88 -10.01 12.34
N ASN B 445 -0.52 -8.76 12.53
CA ASN B 445 -1.19 -7.93 13.50
C ASN B 445 -2.64 -7.99 13.04
N VAL B 446 -3.41 -8.90 13.65
CA VAL B 446 -4.80 -9.15 13.27
C VAL B 446 -5.67 -7.88 13.56
N GLY B 447 -5.29 -7.12 14.56
CA GLY B 447 -6.06 -5.93 14.86
C GLY B 447 -6.28 -5.03 13.66
N VAL B 448 -5.26 -5.00 12.79
CA VAL B 448 -5.18 -4.19 11.59
C VAL B 448 -5.56 -4.99 10.33
N CYS B 449 -4.97 -6.16 10.13
CA CYS B 449 -5.25 -6.97 8.92
C CYS B 449 -6.65 -7.51 8.79
N GLY B 450 -7.26 -7.84 9.94
CA GLY B 450 -8.65 -8.23 10.08
C GLY B 450 -9.59 -7.09 9.80
N GLY B 451 -9.23 -5.90 10.25
CA GLY B 451 -10.01 -4.67 10.01
C GLY B 451 -10.06 -4.33 8.53
N LEU B 452 -8.88 -4.23 7.93
CA LEU B 452 -8.74 -4.20 6.44
C LEU B 452 -9.58 -5.26 5.74
N GLN B 453 -9.55 -6.49 6.20
CA GLN B 453 -10.22 -7.53 5.47
C GLN B 453 -11.74 -7.41 5.57
N ALA B 454 -12.23 -6.96 6.72
CA ALA B 454 -13.65 -6.69 6.91
C ALA B 454 -14.15 -5.65 5.92
N GLU B 455 -13.32 -4.64 5.67
CA GLU B 455 -13.60 -3.60 4.71
C GLU B 455 -13.66 -4.12 3.27
N TRP B 456 -12.64 -4.86 2.86
CA TRP B 456 -12.67 -5.50 1.60
C TRP B 456 -13.98 -6.33 1.37
N VAL B 457 -14.44 -7.04 2.38
CA VAL B 457 -15.64 -7.84 2.28
C VAL B 457 -16.90 -6.96 2.29
N LEU B 458 -16.85 -5.84 3.02
CA LEU B 458 -17.98 -4.88 2.95
C LEU B 458 -18.12 -4.36 1.50
N ARG B 459 -16.98 -4.20 0.81
CA ARG B 459 -16.97 -3.66 -0.54
C ARG B 459 -17.51 -4.68 -1.53
N MET B 460 -17.18 -5.96 -1.33
CA MET B 460 -17.74 -6.98 -2.19
C MET B 460 -19.29 -7.11 -2.03
N ILE B 461 -19.76 -7.25 -0.80
CA ILE B 461 -21.18 -7.31 -0.57
C ILE B 461 -21.87 -6.09 -1.16
N SER B 462 -21.27 -4.91 -0.98
CA SER B 462 -21.75 -3.68 -1.61
C SER B 462 -21.86 -3.67 -3.15
N TYR B 463 -20.80 -4.14 -3.78
CA TYR B 463 -20.77 -4.27 -5.21
C TYR B 463 -21.90 -5.23 -5.65
N MET B 464 -22.09 -6.32 -4.91
CA MET B 464 -23.21 -7.22 -5.19
C MET B 464 -24.63 -6.61 -5.06
N LYS B 465 -24.86 -5.87 -3.98
CA LYS B 465 -26.10 -5.15 -3.80
C LYS B 465 -26.29 -4.16 -5.00
N ASP B 466 -25.25 -3.43 -5.37
CA ASP B 466 -25.39 -2.47 -6.49
C ASP B 466 -25.76 -3.14 -7.85
N ASN B 467 -25.12 -4.27 -8.14
CA ASN B 467 -25.32 -4.91 -9.41
C ASN B 467 -26.39 -5.96 -9.39
N GLY B 468 -27.10 -6.06 -8.28
CA GLY B 468 -28.22 -7.00 -8.19
C GLY B 468 -27.80 -8.47 -8.16
N PHE B 469 -26.57 -8.75 -7.74
CA PHE B 469 -26.06 -10.12 -7.73
C PHE B 469 -26.33 -10.73 -6.40
N THR B 470 -26.86 -11.95 -6.38
CA THR B 470 -27.20 -12.62 -5.14
C THR B 470 -26.42 -13.94 -4.91
N TYR B 471 -25.42 -14.22 -5.73
CA TYR B 471 -24.64 -15.43 -5.57
C TYR B 471 -23.19 -15.18 -5.92
N SER B 472 -22.32 -15.70 -5.06
CA SER B 472 -20.89 -15.68 -5.28
C SER B 472 -20.30 -17.00 -4.85
N GLU B 473 -19.26 -17.45 -5.54
CA GLU B 473 -18.60 -18.69 -5.29
C GLU B 473 -17.35 -18.71 -6.19
N PRO B 474 -16.20 -19.15 -5.67
CA PRO B 474 -14.96 -19.29 -6.44
C PRO B 474 -15.03 -20.33 -7.56
N THR B 475 -14.38 -20.07 -8.69
CA THR B 475 -14.32 -21.07 -9.74
C THR B 475 -13.33 -22.13 -9.32
N GLN B 476 -13.43 -23.31 -9.90
CA GLN B 476 -12.46 -24.37 -9.61
C GLN B 476 -11.04 -23.87 -9.85
N ALA B 477 -10.78 -23.26 -11.01
CA ALA B 477 -9.42 -22.95 -11.39
C ALA B 477 -8.76 -21.87 -10.54
N ALA B 478 -9.57 -20.94 -10.02
CA ALA B 478 -9.01 -19.87 -9.25
C ALA B 478 -8.66 -20.39 -7.85
N GLU B 479 -9.53 -21.26 -7.31
CA GLU B 479 -9.31 -21.88 -6.00
C GLU B 479 -8.10 -22.83 -6.05
N ASN B 480 -8.01 -23.64 -7.11
CA ASN B 480 -6.79 -24.41 -7.34
C ASN B 480 -5.51 -23.61 -7.51
N ARG B 481 -5.53 -22.55 -8.32
CA ARG B 481 -4.31 -21.72 -8.41
C ARG B 481 -3.93 -21.07 -7.09
N TRP B 482 -4.90 -20.52 -6.36
CA TRP B 482 -4.59 -19.82 -5.13
C TRP B 482 -3.91 -20.80 -4.21
N THR B 483 -4.52 -21.96 -4.04
CA THR B 483 -4.09 -22.91 -3.06
C THR B 483 -2.69 -23.43 -3.40
N GLU B 484 -2.42 -23.72 -4.66
CA GLU B 484 -1.06 -24.05 -5.08
C GLU B 484 -0.06 -22.92 -4.77
N GLU B 485 -0.41 -21.67 -5.12
CA GLU B 485 0.44 -20.54 -4.72
C GLU B 485 0.78 -20.55 -3.23
N VAL B 486 -0.23 -20.72 -2.37
CA VAL B 486 0.05 -20.63 -0.91
C VAL B 486 1.10 -21.67 -0.43
N TYR B 487 0.94 -22.91 -0.88
CA TYR B 487 1.87 -23.95 -0.53
C TYR B 487 3.24 -23.72 -1.15
N ALA B 488 3.27 -23.13 -2.35
CA ALA B 488 4.53 -22.90 -3.01
C ALA B 488 5.36 -21.84 -2.25
N ASP B 489 4.80 -20.65 -1.99
CA ASP B 489 5.47 -19.67 -1.13
C ASP B 489 5.89 -20.28 0.23
N PHE B 490 4.93 -20.92 0.90
CA PHE B 490 5.25 -21.60 2.15
C PHE B 490 6.47 -22.55 2.14
N SER B 491 6.57 -23.39 1.12
CA SER B 491 7.60 -24.41 1.09
C SER B 491 9.00 -23.83 0.78
N ARG B 492 9.07 -22.56 0.41
CA ARG B 492 10.32 -21.84 0.20
C ARG B 492 10.87 -21.12 1.43
N THR B 493 10.22 -21.26 2.57
CA THR B 493 10.66 -20.60 3.77
C THR B 493 11.07 -21.64 4.79
N LEU B 494 11.76 -21.17 5.82
CA LEU B 494 12.18 -22.00 6.93
C LEU B 494 11.03 -22.49 7.83
N LEU B 495 9.81 -22.00 7.58
CA LEU B 495 8.62 -22.49 8.31
C LEU B 495 8.26 -23.87 7.85
N ALA B 496 8.73 -24.25 6.65
CA ALA B 496 8.50 -25.60 6.16
C ALA B 496 9.30 -26.54 7.05
N GLU B 497 10.36 -26.01 7.63
CA GLU B 497 11.22 -26.76 8.52
C GLU B 497 10.66 -26.84 9.97
N ALA B 498 9.35 -26.65 10.20
CA ALA B 498 8.84 -26.71 11.61
C ALA B 498 7.33 -26.94 11.89
N ASN B 499 7.03 -27.13 13.17
CA ASN B 499 5.72 -27.60 13.67
C ASN B 499 4.97 -26.55 14.47
N ALA B 500 4.52 -25.50 13.81
CA ALA B 500 3.80 -24.45 14.52
C ALA B 500 2.32 -24.77 14.59
N TRP B 501 1.61 -24.08 15.48
CA TRP B 501 0.16 -24.24 15.50
C TRP B 501 -0.54 -24.00 14.15
N TRP B 502 0.14 -23.37 13.18
CA TRP B 502 -0.47 -23.05 11.91
C TRP B 502 -0.11 -24.14 10.90
N VAL B 503 0.44 -25.23 11.37
CA VAL B 503 0.82 -26.27 10.42
C VAL B 503 -0.02 -27.45 10.86
N LYS B 504 -0.31 -28.38 9.95
CA LYS B 504 -1.21 -29.43 10.37
C LYS B 504 -0.67 -30.72 9.89
N THR B 505 -0.85 -31.72 10.75
CA THR B 505 -0.37 -33.05 10.55
C THR B 505 -1.54 -33.95 10.88
N THR B 506 -2.00 -34.64 9.84
CA THR B 506 -3.10 -35.62 9.96
C THR B 506 -2.76 -36.81 9.05
N ARG B 515 2.13 -33.31 6.36
CA ARG B 515 2.40 -31.98 6.93
C ARG B 515 2.05 -30.84 5.90
N ARG B 516 1.36 -29.77 6.34
CA ARG B 516 0.77 -28.81 5.40
C ARG B 516 0.32 -27.50 6.07
N THR B 517 0.61 -26.33 5.48
CA THR B 517 0.07 -25.08 6.08
C THR B 517 -1.43 -24.84 6.02
N LEU B 518 -1.94 -24.34 7.13
CA LEU B 518 -3.21 -23.72 7.16
C LEU B 518 -3.03 -22.24 6.97
N VAL B 519 -1.80 -21.76 6.85
CA VAL B 519 -1.60 -20.29 6.79
C VAL B 519 -0.80 -19.76 5.62
N HIS B 520 -1.25 -18.63 5.12
CA HIS B 520 -0.58 -17.88 4.08
C HIS B 520 0.46 -16.95 4.74
N VAL B 521 1.69 -17.01 4.20
CA VAL B 521 2.89 -16.40 4.78
C VAL B 521 3.65 -15.36 3.94
N SER B 522 3.38 -15.30 2.64
CA SER B 522 3.73 -14.13 1.82
C SER B 522 3.14 -12.91 2.53
N GLY B 523 3.68 -11.73 2.27
CA GLY B 523 3.29 -10.58 3.09
C GLY B 523 1.85 -10.10 3.02
N GLY B 524 1.41 -9.33 4.02
CA GLY B 524 0.09 -8.73 3.99
C GLY B 524 -0.12 -7.90 2.75
N PRO B 525 0.72 -6.85 2.54
CA PRO B 525 0.48 -5.92 1.43
C PRO B 525 0.37 -6.53 0.02
N GLU B 526 1.19 -7.51 -0.33
CA GLU B 526 1.04 -8.22 -1.58
C GLU B 526 -0.32 -8.94 -1.65
N TYR B 527 -0.78 -9.47 -0.52
CA TYR B 527 -2.05 -10.13 -0.42
C TYR B 527 -3.19 -9.14 -0.70
N ARG B 528 -3.21 -7.99 -0.04
CA ARG B 528 -4.27 -7.02 -0.26
C ARG B 528 -4.20 -6.44 -1.67
N LYS B 529 -3.01 -6.41 -2.25
CA LYS B 529 -2.86 -5.97 -3.60
C LYS B 529 -3.58 -6.98 -4.55
N ARG B 530 -3.32 -8.30 -4.41
CA ARG B 530 -4.01 -9.30 -5.25
C ARG B 530 -5.50 -9.09 -5.11
N CYS B 531 -5.92 -8.86 -3.89
CA CYS B 531 -7.31 -8.70 -3.56
C CYS B 531 -7.87 -7.45 -4.21
N GLU B 532 -7.08 -6.40 -4.38
CA GLU B 532 -7.63 -5.18 -4.96
C GLU B 532 -7.74 -5.32 -6.47
N GLN B 533 -6.73 -5.98 -7.06
CA GLN B 533 -6.74 -6.38 -8.44
C GLN B 533 -8.00 -7.21 -8.84
N VAL B 534 -8.40 -8.13 -7.94
CA VAL B 534 -9.52 -8.98 -8.14
C VAL B 534 -10.81 -8.15 -8.07
N ALA B 535 -10.99 -7.40 -7.00
CA ALA B 535 -12.18 -6.57 -6.83
C ALA B 535 -12.34 -5.60 -8.00
N TYR B 536 -11.19 -5.09 -8.50
CA TYR B 536 -11.22 -4.10 -9.56
C TYR B 536 -11.72 -4.74 -10.86
N ASN B 537 -11.11 -5.88 -11.21
CA ASN B 537 -11.44 -6.59 -12.42
C ASN B 537 -12.67 -7.44 -12.14
N ASN B 538 -13.73 -6.78 -11.66
CA ASN B 538 -15.08 -7.36 -11.40
C ASN B 538 -15.12 -8.65 -10.60
N TYR B 539 -14.33 -8.73 -9.53
CA TYR B 539 -14.22 -9.94 -8.71
C TYR B 539 -13.84 -11.18 -9.52
N ASN B 540 -12.94 -10.95 -10.45
CA ASN B 540 -12.35 -12.01 -11.22
C ASN B 540 -11.98 -13.23 -10.34
N GLY B 541 -12.47 -14.41 -10.75
CA GLY B 541 -12.22 -15.67 -10.05
C GLY B 541 -13.39 -16.10 -9.16
N PHE B 542 -14.28 -15.18 -8.85
CA PHE B 542 -15.59 -15.55 -8.32
C PHE B 542 -16.63 -15.59 -9.49
N GLU B 543 -17.45 -16.66 -9.54
CA GLU B 543 -18.67 -16.64 -10.35
C GLU B 543 -19.70 -15.75 -9.69
N LEU B 544 -20.21 -14.81 -10.45
CA LEU B 544 -21.19 -13.93 -9.95
C LEU B 544 -22.47 -14.14 -10.72
N ALA B 545 -23.59 -14.09 -10.00
CA ALA B 545 -24.91 -14.09 -10.56
C ALA B 545 -25.92 -13.43 -9.59
PA FAD C . 0.96 22.27 -13.11
O1A FAD C . 1.98 22.52 -14.20
O2A FAD C . -0.38 21.81 -13.59
O5B FAD C . 0.67 23.60 -12.29
C5B FAD C . 1.79 24.46 -12.00
C4B FAD C . 1.25 25.87 -11.76
O4B FAD C . 2.14 26.67 -10.99
C3B FAD C . 1.01 26.61 -13.06
O3B FAD C . -0.26 27.17 -12.81
C2B FAD C . 2.11 27.66 -13.15
O2B FAD C . 1.71 28.85 -13.78
C1B FAD C . 2.44 27.91 -11.69
N9A FAD C . 3.81 28.47 -11.50
C8A FAD C . 5.01 27.99 -11.99
N7A FAD C . 6.02 28.80 -11.60
C5A FAD C . 5.46 29.82 -10.87
C6A FAD C . 6.01 30.92 -10.23
N6A FAD C . 7.27 31.24 -10.46
N1A FAD C . 5.22 31.82 -9.56
C2A FAD C . 3.84 31.62 -9.49
N3A FAD C . 3.29 30.50 -10.12
C4A FAD C . 4.10 29.62 -10.80
N1 FAD C . -0.61 13.71 -16.28
C2 FAD C . -1.33 12.57 -16.00
O2 FAD C . -1.12 11.91 -14.97
N3 FAD C . -2.27 12.14 -16.89
C4 FAD C . -2.55 12.90 -18.00
O4 FAD C . -3.43 12.48 -18.75
C4X FAD C . -1.83 14.09 -18.29
N5 FAD C . -2.06 14.85 -19.45
C5X FAD C . -1.31 16.00 -19.69
C6 FAD C . -1.57 16.75 -20.85
C7 FAD C . -0.84 17.92 -21.10
C7M FAD C . -1.11 18.74 -22.33
C8 FAD C . 0.15 18.35 -20.21
C8M FAD C . 0.90 19.61 -20.55
C9 FAD C . 0.41 17.59 -19.06
C9A FAD C . -0.33 16.42 -18.79
N10 FAD C . -0.08 15.66 -17.64
C10 FAD C . -0.83 14.49 -17.40
C1' FAD C . 0.96 16.08 -16.64
C2' FAD C . 0.39 17.25 -15.84
O2' FAD C . 1.40 18.25 -15.60
C3' FAD C . -0.21 16.69 -14.55
O3' FAD C . -1.32 15.85 -14.80
C4' FAD C . -0.72 17.73 -13.55
O4' FAD C . -1.55 18.67 -14.22
C5' FAD C . 0.47 18.37 -12.84
O5' FAD C . -0.05 19.26 -11.95
P FAD C . 0.85 20.25 -11.08
O1P FAD C . -0.08 21.02 -10.15
O2P FAD C . 1.83 19.41 -10.39
O3P FAD C . 1.61 21.20 -12.08
PA NAP D . 7.70 16.49 -26.51
O1A NAP D . 8.84 16.69 -25.54
O2A NAP D . 7.16 15.11 -26.48
O5B NAP D . 8.24 16.85 -28.00
C5B NAP D . 8.07 18.08 -28.68
C4B NAP D . 8.32 17.77 -30.17
O4B NAP D . 9.00 18.84 -30.82
C3B NAP D . 9.19 16.51 -30.33
O3B NAP D . 8.65 15.67 -31.36
C2B NAP D . 10.59 17.09 -30.65
O2B NAP D . 11.40 16.26 -31.45
C1B NAP D . 10.26 18.40 -31.37
N9A NAP D . 11.19 19.52 -31.23
C8A NAP D . 11.60 20.07 -30.03
N7A NAP D . 12.40 21.14 -30.27
C5A NAP D . 12.52 21.33 -31.62
C6A NAP D . 13.22 22.29 -32.43
N6A NAP D . 13.95 23.29 -31.89
N1A NAP D . 13.10 22.20 -33.83
C2A NAP D . 12.34 21.20 -34.39
N3A NAP D . 11.64 20.25 -33.60
C4A NAP D . 11.74 20.31 -32.23
O3 NAP D . 6.53 17.64 -26.27
PN NAP D . 4.91 17.69 -26.07
O1N NAP D . 4.11 17.13 -27.22
O2N NAP D . 4.56 19.07 -25.56
O5D NAP D . 4.75 16.65 -24.83
C5D NAP D . 5.54 16.80 -23.65
C4D NAP D . 4.87 15.95 -22.57
O4D NAP D . 3.54 16.39 -22.28
C3D NAP D . 4.80 14.48 -22.98
O3D NAP D . 5.99 13.79 -22.60
C2D NAP D . 3.50 14.00 -22.35
O2D NAP D . 3.73 13.16 -21.23
C1D NAP D . 2.73 15.26 -21.90
N1N NAP D . 1.45 15.33 -22.65
C2N NAP D . 0.50 14.31 -22.59
C3N NAP D . -0.63 14.43 -23.41
C7N NAP D . -1.74 13.42 -23.36
O7N NAP D . -1.97 12.46 -24.43
N7N NAP D . -2.49 13.51 -22.26
C4N NAP D . -0.80 15.54 -24.23
C5N NAP D . 0.16 16.55 -24.30
C6N NAP D . 1.29 16.42 -23.50
P2B NAP D . 12.65 15.52 -30.79
O1X NAP D . 12.16 14.28 -30.04
O2X NAP D . 13.64 15.04 -31.87
O3X NAP D . 13.31 16.44 -29.75
PA FAD E . -11.74 -13.94 18.23
O1A FAD E . -11.19 -15.30 18.52
O2A FAD E . -11.11 -12.84 19.07
O5B FAD E . -13.32 -13.94 18.38
C5B FAD E . -14.01 -15.04 17.89
C4B FAD E . -15.39 -15.04 18.53
O4B FAD E . -16.30 -15.90 17.86
C3B FAD E . -15.31 -15.48 19.97
O3B FAD E . -15.90 -14.39 20.64
C2B FAD E . -16.16 -16.74 20.06
O2B FAD E . -16.95 -16.79 21.24
C1B FAD E . -17.04 -16.62 18.82
N9A FAD E . -17.50 -17.89 18.27
C8A FAD E . -16.69 -18.90 17.81
N7A FAD E . -17.47 -19.90 17.37
C5A FAD E . -18.78 -19.56 17.56
C6A FAD E . -19.98 -20.24 17.31
N6A FAD E . -20.02 -21.35 16.63
N1A FAD E . -21.15 -19.61 17.61
C2A FAD E . -21.17 -18.34 18.18
N3A FAD E . -20.01 -17.69 18.45
C4A FAD E . -18.82 -18.29 18.14
N1 FAD E . -2.93 -11.13 17.72
C2 FAD E . -2.11 -10.06 17.42
O2 FAD E . -2.15 -9.58 16.29
N3 FAD E . -1.28 -9.54 18.37
C4 FAD E . -1.27 -10.12 19.62
O4 FAD E . -0.52 -9.62 20.45
C4X FAD E . -2.10 -11.24 19.95
N5 FAD E . -2.12 -11.84 21.20
C5X FAD E . -2.95 -12.89 21.45
C6 FAD E . -2.95 -13.49 22.72
C7 FAD E . -3.77 -14.60 22.97
C7M FAD E . -3.76 -15.19 24.34
C8 FAD E . -4.61 -15.13 21.95
C8M FAD E . -5.48 -16.32 22.14
C9 FAD E . -4.61 -14.52 20.70
C9A FAD E . -3.78 -13.42 20.45
N10 FAD E . -3.76 -12.84 19.20
C10 FAD E . -2.94 -11.73 18.96
C1' FAD E . -4.64 -13.40 18.10
C2' FAD E . -6.08 -12.96 18.24
O2' FAD E . -6.88 -14.03 17.80
C3' FAD E . -6.38 -11.69 17.46
O3' FAD E . -5.67 -10.67 18.13
C4' FAD E . -7.85 -11.27 17.49
O4' FAD E . -8.20 -11.35 18.82
C5' FAD E . -8.80 -12.16 16.69
O5' FAD E . -10.05 -11.52 16.77
P FAD E . -11.32 -12.15 16.03
O1P FAD E . -12.45 -11.16 16.15
O2P FAD E . -10.93 -12.46 14.62
O3P FAD E . -11.60 -13.59 16.68
PA NAP F . 0.63 -23.36 21.91
O1A NAP F . 0.11 -24.23 20.80
O2A NAP F . 1.67 -22.42 21.50
O5B NAP F . 1.36 -24.19 23.05
C5B NAP F . 0.81 -25.34 23.58
C4B NAP F . 1.82 -25.91 24.55
O4B NAP F . 1.17 -27.01 25.13
C3B NAP F . 2.99 -26.42 23.71
O3B NAP F . 4.24 -26.22 24.32
C2B NAP F . 2.67 -27.90 23.56
O2B NAP F . 3.83 -28.69 23.43
C1B NAP F . 1.91 -28.19 24.84
N9A NAP F . 1.06 -29.37 24.60
C8A NAP F . -0.04 -29.44 23.78
N7A NAP F . -0.54 -30.69 23.85
C5A NAP F . 0.20 -31.43 24.70
C6A NAP F . 0.16 -32.77 25.12
N6A NAP F . -0.78 -33.59 24.68
N1A NAP F . 1.09 -33.27 26.02
C2A NAP F . 2.03 -32.37 26.49
N3A NAP F . 2.09 -31.06 26.08
C4A NAP F . 1.21 -30.60 25.18
O3 NAP F . -0.62 -22.57 22.59
PN NAP F . -0.62 -21.13 23.34
O1N NAP F . 0.56 -20.98 24.19
O2N NAP F . -1.89 -20.79 24.02
O5D NAP F . -0.33 -20.20 22.08
C5D NAP F . -1.01 -20.34 20.89
C4D NAP F . -1.07 -18.94 20.39
O4D NAP F . -2.07 -18.13 21.07
C3D NAP F . 0.26 -18.19 20.42
O3D NAP F . 1.09 -18.62 19.39
C2D NAP F . -0.18 -16.76 20.21
O2D NAP F . -0.26 -16.36 18.84
C1D NAP F . -1.56 -16.77 20.97
N1N NAP F . -1.12 -16.23 22.28
C2N NAP F . -0.51 -14.98 22.26
C3N NAP F . -0.02 -14.38 23.44
C7N NAP F . 0.54 -12.98 23.46
O7N NAP F . 1.48 -12.74 24.46
N7N NAP F . 0.18 -12.02 22.60
C4N NAP F . -0.14 -15.10 24.64
C5N NAP F . -0.76 -16.40 24.63
C6N NAP F . -1.22 -16.98 23.45
P2B NAP F . 4.34 -29.27 22.00
O1X NAP F . 5.03 -28.22 21.20
O2X NAP F . 5.36 -30.38 22.27
O3X NAP F . 3.15 -29.87 21.35
#